data_5YY5
#
_entry.id   5YY5
#
_cell.length_a   152.315
_cell.length_b   152.315
_cell.length_c   148.535
_cell.angle_alpha   90.00
_cell.angle_beta   90.00
_cell.angle_gamma   120.00
#
_symmetry.space_group_name_H-M   'H 3'
#
loop_
_entity.id
_entity.type
_entity.pdbx_description
1 polymer 'MERS-CoV RBD'
2 polymer 'Heavy chain'
3 polymer 'Light chain'
4 polymer 'Heavy chain'
5 polymer 'Light chain'
6 non-polymer 2-acetamido-2-deoxy-beta-D-glucopyranose
#
loop_
_entity_poly.entity_id
_entity_poly.type
_entity_poly.pdbx_seq_one_letter_code
_entity_poly.pdbx_strand_id
1 'polypeptide(L)'
;GVECDFSPLLSGTPPQVYNFKRLVFTNCNYNLTKLLSLFSVNDFTCSQISPAAIASNCYSSLILDYFSYPLSMKSDLSVS
SAGPISQFNYKQSFSNPTCLILATVPHNLTTITKPLKYSYINKCSRLLSDDRTEVPQLVNANQYSPCVSIVPSTVWEDGD
YYRKQLSPLEGGGWLVASGSTVAMTEQLQMGFGITVQYGTDTNSVCPKL
;
A,B
2 'polypeptide(L)'
;EVQLVESGGGLVQPGRSLRLSCAASGFTFSNYAMYWVRQAPGKGLEWVALISYDISTDYYADSVKGRFTISRDNSKNTIY
LQMNNLRTEDTALYYCTNTYYWGQGTLVTVS
;
H
3 'polypeptide(L)'
;GSQPVLTQSPSASGTPGQRVTISCSGSSSNIGNNYVYWYQQLPGTAPKLLIYWNDQRPSGVPDRFSGSKSGTSASLAISG
LRSEDEADYYCAAWDDSLSGAVFGGGTQLTVL
;
L
4 'polypeptide(L)'
;GVQLVESGGGLVQPGRSLRLSCAASGFTFSNYAMYWVRQAPGKGLEWVALISYDISTDYYADSVKGRFTISRDNSKNTIY
LQMNNLRTEDTALYYCTNTYYWGQGTLVT
;
C
5 'polypeptide(L)'
;LTQSPSASGTPGQRVTISCSGSSSNIGNNYVYWYQQLPGTAPKLLIYWNDQRPSGVPDRFSGSKSGTSASLAISGLRSED
EADYYCAAWDDSLSGAVFGGGTQLT
;
D
#
loop_
_chem_comp.id
_chem_comp.type
_chem_comp.name
_chem_comp.formula
NAG D-saccharide, beta linking 2-acetamido-2-deoxy-beta-D-glucopyranose 'C8 H15 N O6'
#
# COMPACT_ATOMS: atom_id res chain seq x y z
N GLY A 1 23.82 19.23 -25.24
CA GLY A 1 23.15 18.66 -26.41
C GLY A 1 21.66 18.93 -26.61
N VAL A 2 20.92 17.88 -27.03
CA VAL A 2 19.56 18.03 -27.54
C VAL A 2 18.60 18.69 -26.55
N GLU A 3 17.58 19.39 -27.07
CA GLU A 3 16.54 19.97 -26.21
C GLU A 3 15.28 19.12 -26.18
N CYS A 4 14.68 19.03 -24.99
CA CYS A 4 13.40 18.36 -24.79
C CYS A 4 12.29 19.04 -25.57
N ASP A 5 11.48 18.25 -26.27
CA ASP A 5 10.50 18.83 -27.19
C ASP A 5 9.13 18.80 -26.55
N PHE A 6 8.67 19.98 -26.15
CA PHE A 6 7.34 20.20 -25.59
C PHE A 6 6.34 20.73 -26.62
N SER A 7 6.80 21.04 -27.85
CA SER A 7 5.96 21.63 -28.91
C SER A 7 4.57 21.04 -29.02
N PRO A 8 4.38 19.69 -29.11
CA PRO A 8 3.03 19.14 -29.32
C PRO A 8 1.97 19.76 -28.42
N LEU A 9 2.38 20.15 -27.22
CA LEU A 9 1.46 20.74 -26.25
C LEU A 9 0.72 21.92 -26.84
N LEU A 10 1.42 22.76 -27.61
CA LEU A 10 0.92 24.05 -28.07
C LEU A 10 0.14 24.00 -29.39
N SER A 11 -0.19 22.80 -29.92
CA SER A 11 -0.66 22.68 -31.29
C SER A 11 -1.60 21.46 -31.45
N GLY A 12 -2.92 21.70 -31.39
CA GLY A 12 -3.90 20.69 -31.64
C GLY A 12 -5.05 20.81 -30.66
N THR A 13 -5.95 19.82 -30.67
CA THR A 13 -6.96 19.81 -29.62
C THR A 13 -6.50 18.85 -28.53
N PRO A 14 -6.19 19.33 -27.33
CA PRO A 14 -5.86 18.42 -26.26
C PRO A 14 -7.05 17.54 -25.95
N PRO A 15 -6.82 16.25 -25.74
CA PRO A 15 -7.95 15.32 -25.54
C PRO A 15 -8.65 15.60 -24.22
N GLN A 16 -9.74 14.89 -24.00
CA GLN A 16 -10.38 14.95 -22.71
C GLN A 16 -9.57 14.14 -21.66
N VAL A 17 -9.95 14.28 -20.39
CA VAL A 17 -9.12 13.71 -19.32
C VAL A 17 -8.86 12.22 -19.55
N TYR A 18 -9.90 11.48 -19.95
CA TYR A 18 -9.74 10.05 -20.13
C TYR A 18 -8.95 9.66 -21.37
N ASN A 19 -8.58 10.60 -22.25
CA ASN A 19 -7.74 10.25 -23.39
C ASN A 19 -6.39 10.95 -23.38
N PHE A 20 -5.84 11.22 -22.19
CA PHE A 20 -4.70 12.11 -22.02
C PHE A 20 -3.55 11.77 -22.97
N LYS A 21 -2.93 12.82 -23.53
CA LYS A 21 -1.73 12.68 -24.35
C LYS A 21 -0.49 12.72 -23.46
N ARG A 22 0.52 11.93 -23.82
CA ARG A 22 1.66 11.72 -22.96
C ARG A 22 2.93 11.83 -23.78
N LEU A 23 3.82 12.73 -23.36
CA LEU A 23 5.18 12.86 -23.88
C LEU A 23 6.18 12.32 -22.85
N VAL A 24 7.13 11.53 -23.33
CA VAL A 24 8.09 10.81 -22.50
C VAL A 24 9.49 11.22 -22.94
N PHE A 25 10.25 11.76 -22.01
CA PHE A 25 11.55 12.34 -22.33
C PHE A 25 12.68 11.61 -21.61
N THR A 26 13.75 11.34 -22.37
CA THR A 26 15.05 10.93 -21.84
C THR A 26 16.15 11.61 -22.66
N ASN A 27 17.31 11.79 -22.02
CA ASN A 27 18.53 12.34 -22.63
C ASN A 27 18.27 13.69 -23.30
N CYS A 28 17.76 14.65 -22.53
CA CYS A 28 17.41 15.94 -23.13
C CYS A 28 17.64 17.04 -22.10
N ASN A 29 17.43 18.29 -22.53
CA ASN A 29 17.45 19.46 -21.66
C ASN A 29 16.14 20.22 -21.79
N TYR A 30 15.54 20.57 -20.65
CA TYR A 30 14.19 21.11 -20.61
C TYR A 30 14.24 22.50 -19.96
N ASN A 31 13.20 23.33 -20.26
CA ASN A 31 12.99 24.63 -19.60
C ASN A 31 11.51 24.71 -19.27
N LEU A 32 11.09 23.97 -18.24
CA LEU A 32 9.68 23.90 -17.90
C LEU A 32 9.06 25.27 -17.64
N THR A 33 9.78 26.16 -16.95
CA THR A 33 9.20 27.46 -16.60
C THR A 33 8.88 28.27 -17.84
N LYS A 34 9.64 28.07 -18.92
CA LYS A 34 9.29 28.71 -20.20
C LYS A 34 7.97 28.20 -20.71
N LEU A 35 7.77 26.88 -20.63
CA LEU A 35 6.53 26.27 -21.08
C LEU A 35 5.32 26.88 -20.39
N LEU A 36 5.37 26.94 -19.05
CA LEU A 36 4.24 27.41 -18.25
C LEU A 36 4.01 28.92 -18.37
N SER A 37 5.01 29.70 -18.77
CA SER A 37 4.76 31.12 -19.00
C SER A 37 3.83 31.33 -20.19
N LEU A 38 3.70 30.34 -21.08
CA LEU A 38 2.75 30.42 -22.17
C LEU A 38 1.28 30.32 -21.72
N PHE A 39 1.00 29.98 -20.46
CA PHE A 39 -0.37 29.80 -19.98
C PHE A 39 -0.63 30.66 -18.74
N SER A 40 -1.87 30.65 -18.24
CA SER A 40 -2.21 31.21 -16.93
C SER A 40 -2.32 30.06 -15.93
N VAL A 41 -1.23 29.76 -15.22
CA VAL A 41 -1.31 28.70 -14.23
C VAL A 41 -2.27 29.12 -13.13
N ASN A 42 -3.28 28.28 -12.86
CA ASN A 42 -4.16 28.55 -11.74
C ASN A 42 -3.84 27.70 -10.54
N ASP A 43 -3.17 26.57 -10.74
CA ASP A 43 -2.85 25.74 -9.60
C ASP A 43 -1.71 24.82 -9.99
N PHE A 44 -0.79 24.62 -9.04
CA PHE A 44 0.48 23.92 -9.27
C PHE A 44 0.86 23.29 -7.93
N THR A 45 0.38 22.06 -7.70
CA THR A 45 0.66 21.39 -6.43
C THR A 45 1.27 20.03 -6.70
N CYS A 46 2.47 19.81 -6.15
CA CYS A 46 3.19 18.55 -6.32
C CYS A 46 3.07 17.64 -5.08
N SER A 47 3.67 16.46 -5.22
CA SER A 47 3.62 15.45 -4.19
C SER A 47 4.95 14.71 -4.18
N GLN A 48 5.67 14.79 -3.06
CA GLN A 48 7.00 14.23 -2.88
C GLN A 48 8.08 14.98 -3.68
N ILE A 49 7.73 16.19 -4.14
CA ILE A 49 8.61 17.14 -4.78
C ILE A 49 7.91 18.50 -4.68
N SER A 50 8.57 19.55 -5.14
CA SER A 50 8.05 20.91 -5.10
C SER A 50 7.98 21.49 -6.50
N PRO A 51 7.14 22.50 -6.74
CA PRO A 51 7.26 23.27 -8.01
C PRO A 51 8.69 23.78 -8.26
N ALA A 52 9.34 24.35 -7.24
CA ALA A 52 10.71 24.80 -7.40
C ALA A 52 11.64 23.68 -7.88
N ALA A 53 11.53 22.49 -7.27
CA ALA A 53 12.50 21.40 -7.53
C ALA A 53 12.27 20.75 -8.89
N ILE A 54 11.02 20.57 -9.29
CA ILE A 54 10.70 19.86 -10.52
C ILE A 54 11.20 20.65 -11.74
N ALA A 55 11.30 21.96 -11.60
CA ALA A 55 11.88 22.74 -12.68
C ALA A 55 13.41 22.68 -12.72
N SER A 56 14.08 22.18 -11.68
CA SER A 56 15.53 22.30 -11.63
C SER A 56 16.29 21.00 -11.35
N ASN A 57 15.65 19.84 -11.45
CA ASN A 57 16.36 18.62 -11.13
C ASN A 57 16.63 17.75 -12.36
N CYS A 58 17.51 16.79 -12.14
CA CYS A 58 17.99 15.82 -13.11
C CYS A 58 17.21 14.53 -12.97
N TYR A 59 16.70 13.99 -14.07
CA TYR A 59 15.89 12.79 -14.03
C TYR A 59 16.40 11.73 -14.99
N SER A 60 16.07 10.47 -14.68
CA SER A 60 16.21 9.45 -15.70
C SER A 60 15.07 9.56 -16.70
N SER A 61 13.87 9.91 -16.24
CA SER A 61 12.79 10.17 -17.16
C SER A 61 11.88 11.27 -16.61
N LEU A 62 11.42 12.12 -17.51
CA LEU A 62 10.34 13.05 -17.25
C LEU A 62 9.19 12.68 -18.16
N ILE A 63 7.99 12.63 -17.60
CA ILE A 63 6.81 12.21 -18.30
C ILE A 63 5.75 13.26 -18.06
N LEU A 64 5.14 13.74 -19.14
CA LEU A 64 4.19 14.84 -19.11
C LEU A 64 2.87 14.47 -19.79
N ASP A 65 1.77 14.64 -19.06
CA ASP A 65 0.42 14.32 -19.52
C ASP A 65 -0.40 15.60 -19.66
N TYR A 66 -1.12 15.75 -20.78
CA TYR A 66 -1.93 16.96 -20.96
C TYR A 66 -3.31 16.63 -21.57
N PHE A 67 -4.30 17.42 -21.14
CA PHE A 67 -5.68 17.16 -21.52
C PHE A 67 -6.50 18.40 -21.23
N SER A 68 -7.65 18.49 -21.87
CA SER A 68 -8.54 19.59 -21.59
C SER A 68 -9.22 19.31 -20.28
N TYR A 69 -9.44 20.36 -19.51
CA TYR A 69 -10.02 20.13 -18.19
C TYR A 69 -10.65 21.39 -17.64
N PRO A 70 -11.88 21.33 -17.13
CA PRO A 70 -12.48 22.55 -16.55
C PRO A 70 -11.84 22.87 -15.20
N LEU A 71 -11.46 24.13 -15.03
CA LEU A 71 -10.92 24.60 -13.76
C LEU A 71 -11.92 24.41 -12.62
N SER A 72 -13.21 24.26 -12.95
CA SER A 72 -14.24 24.12 -11.96
C SER A 72 -14.28 22.74 -11.36
N MET A 73 -13.49 21.81 -11.90
CA MET A 73 -13.36 20.47 -11.34
C MET A 73 -12.02 20.29 -10.63
N LYS A 74 -11.54 21.37 -10.01
CA LYS A 74 -10.24 21.36 -9.34
C LYS A 74 -10.18 20.28 -8.27
N SER A 75 -11.26 20.14 -7.49
CA SER A 75 -11.24 19.20 -6.38
C SER A 75 -11.13 17.74 -6.84
N ASP A 76 -11.52 17.43 -8.09
CA ASP A 76 -11.41 16.04 -8.55
C ASP A 76 -10.05 15.71 -9.16
N LEU A 77 -9.22 16.69 -9.47
CA LEU A 77 -7.89 16.41 -10.01
C LEU A 77 -6.92 16.73 -8.88
N SER A 78 -6.59 15.71 -8.10
CA SER A 78 -5.82 15.81 -6.88
C SER A 78 -5.22 14.45 -6.58
N VAL A 79 -3.96 14.44 -6.13
CA VAL A 79 -3.28 13.18 -5.82
C VAL A 79 -3.96 12.44 -4.68
N SER A 80 -4.82 13.14 -3.92
CA SER A 80 -5.61 12.55 -2.85
C SER A 80 -7.08 12.41 -3.24
N SER A 81 -7.43 12.63 -4.49
CA SER A 81 -8.84 12.65 -4.84
C SER A 81 -9.33 11.22 -4.94
N ALA A 82 -10.62 11.02 -4.65
CA ALA A 82 -11.26 9.72 -4.84
C ALA A 82 -12.47 9.83 -5.75
N GLY A 83 -12.54 10.88 -6.57
CA GLY A 83 -13.66 11.12 -7.43
C GLY A 83 -13.55 10.26 -8.67
N PRO A 84 -14.42 10.54 -9.64
CA PRO A 84 -14.39 9.79 -10.90
C PRO A 84 -13.11 9.91 -11.69
N ILE A 85 -12.33 11.00 -11.50
CA ILE A 85 -11.16 11.22 -12.35
C ILE A 85 -10.07 10.21 -12.04
N SER A 86 -9.78 9.99 -10.76
CA SER A 86 -8.81 8.94 -10.43
C SER A 86 -9.45 7.56 -10.52
N GLN A 87 -10.77 7.45 -10.34
CA GLN A 87 -11.37 6.11 -10.44
C GLN A 87 -11.37 5.61 -11.87
N PHE A 88 -11.84 6.43 -12.82
CA PHE A 88 -12.11 5.92 -14.15
C PHE A 88 -11.35 6.61 -15.27
N ASN A 89 -10.66 7.72 -15.00
CA ASN A 89 -10.05 8.50 -16.09
C ASN A 89 -8.52 8.52 -16.02
N TYR A 90 -7.95 9.06 -14.94
CA TYR A 90 -6.53 9.41 -14.92
C TYR A 90 -6.00 9.18 -13.51
N LYS A 91 -4.99 8.33 -13.36
CA LYS A 91 -4.43 8.06 -12.03
C LYS A 91 -2.90 8.04 -12.12
N GLN A 92 -2.24 8.84 -11.29
CA GLN A 92 -0.80 8.83 -11.35
C GLN A 92 -0.20 7.80 -10.39
N SER A 93 1.11 7.67 -10.53
CA SER A 93 1.88 6.86 -9.60
C SER A 93 1.83 7.45 -8.20
N PHE A 94 1.85 6.56 -7.21
CA PHE A 94 2.14 6.97 -5.84
C PHE A 94 3.61 6.81 -5.49
N SER A 95 4.28 5.87 -6.14
CA SER A 95 5.67 5.56 -5.83
C SER A 95 6.66 6.38 -6.63
N ASN A 96 6.25 7.51 -7.17
CA ASN A 96 7.12 8.45 -7.88
C ASN A 96 6.62 9.87 -7.63
N PRO A 97 7.53 10.86 -7.58
CA PRO A 97 7.11 12.26 -7.41
C PRO A 97 6.32 12.75 -8.61
N THR A 98 5.21 13.42 -8.33
CA THR A 98 4.28 13.79 -9.36
C THR A 98 3.78 15.19 -9.10
N CYS A 99 3.11 15.74 -10.12
CA CYS A 99 2.56 17.07 -9.98
C CYS A 99 1.34 17.24 -10.87
N LEU A 100 0.48 18.20 -10.50
CA LEU A 100 -0.78 18.45 -11.20
C LEU A 100 -0.94 19.95 -11.42
N ILE A 101 -1.03 20.38 -12.68
CA ILE A 101 -1.14 21.80 -12.99
C ILE A 101 -2.48 22.08 -13.66
N LEU A 102 -3.09 23.21 -13.29
CA LEU A 102 -4.35 23.70 -13.82
C LEU A 102 -4.08 25.04 -14.51
N ALA A 103 -4.37 25.13 -15.81
CA ALA A 103 -4.03 26.34 -16.56
C ALA A 103 -5.22 26.82 -17.35
N THR A 104 -5.04 27.95 -18.04
CA THR A 104 -5.99 28.50 -18.99
C THR A 104 -5.18 28.87 -20.23
N VAL A 105 -5.66 28.50 -21.42
CA VAL A 105 -4.96 28.86 -22.66
C VAL A 105 -5.25 30.32 -22.98
N PRO A 106 -4.25 31.20 -22.99
CA PRO A 106 -4.50 32.60 -23.26
C PRO A 106 -4.87 32.85 -24.72
N HIS A 107 -5.52 34.00 -24.95
CA HIS A 107 -6.01 34.32 -26.29
C HIS A 107 -4.87 34.42 -27.30
N ASN A 108 -3.69 34.90 -26.87
CA ASN A 108 -2.60 34.96 -27.84
C ASN A 108 -1.89 33.61 -28.02
N LEU A 109 -2.45 32.51 -27.51
CA LEU A 109 -1.95 31.17 -27.80
C LEU A 109 -2.92 30.58 -28.81
N THR A 110 -2.73 30.88 -30.08
CA THR A 110 -3.79 30.69 -31.06
C THR A 110 -3.79 29.33 -31.74
N THR A 111 -2.74 28.53 -31.61
CA THR A 111 -2.71 27.19 -32.17
C THR A 111 -3.22 26.12 -31.20
N ILE A 112 -4.00 26.47 -30.18
CA ILE A 112 -4.67 25.45 -29.34
C ILE A 112 -6.19 25.52 -29.56
N THR A 113 -6.78 24.46 -30.11
CA THR A 113 -8.18 24.46 -30.52
C THR A 113 -9.07 23.80 -29.47
N LYS A 114 -10.21 24.42 -29.20
CA LYS A 114 -11.14 24.01 -28.18
C LYS A 114 -11.97 22.82 -28.67
N PRO A 115 -12.34 21.88 -27.80
CA PRO A 115 -13.34 20.89 -28.16
C PRO A 115 -14.74 21.41 -27.83
N LEU A 116 -15.75 20.65 -28.25
CA LEU A 116 -17.15 21.05 -28.08
C LEU A 116 -17.46 21.34 -26.62
N LYS A 117 -17.03 20.46 -25.73
CA LYS A 117 -17.25 20.60 -24.31
C LYS A 117 -16.19 19.74 -23.62
N TYR A 118 -16.23 19.74 -22.29
CA TYR A 118 -15.38 18.84 -21.50
C TYR A 118 -16.19 17.61 -21.14
N SER A 119 -15.57 16.44 -21.19
CA SER A 119 -16.27 15.22 -20.82
C SER A 119 -15.32 14.28 -20.08
N TYR A 120 -15.88 13.55 -19.09
CA TYR A 120 -15.14 12.57 -18.29
C TYR A 120 -16.00 11.33 -18.11
N ILE A 121 -15.34 10.17 -18.10
CA ILE A 121 -15.94 8.91 -17.75
C ILE A 121 -16.37 8.97 -16.29
N ASN A 122 -17.67 9.04 -16.04
CA ASN A 122 -18.18 9.10 -14.68
C ASN A 122 -18.46 7.72 -14.12
N LYS A 123 -18.49 6.70 -14.96
CA LYS A 123 -18.73 5.35 -14.45
C LYS A 123 -18.24 4.36 -15.48
N CYS A 124 -17.40 3.45 -15.02
CA CYS A 124 -17.00 2.34 -15.85
C CYS A 124 -17.10 1.05 -15.02
N SER A 125 -18.05 0.21 -15.40
CA SER A 125 -18.28 -1.09 -14.79
C SER A 125 -18.13 -2.16 -15.86
N ARG A 126 -18.48 -3.37 -15.45
CA ARG A 126 -18.65 -4.54 -16.31
C ARG A 126 -19.80 -5.32 -15.72
N LEU A 127 -20.92 -5.47 -16.42
CA LEU A 127 -21.94 -6.30 -15.78
C LEU A 127 -21.95 -7.73 -16.27
N LEU A 128 -22.52 -8.58 -15.45
CA LEU A 128 -22.53 -10.00 -15.73
C LEU A 128 -23.76 -10.33 -16.56
N SER A 129 -23.84 -11.59 -17.00
CA SER A 129 -24.89 -12.05 -17.90
C SER A 129 -26.28 -11.76 -17.37
N ASP A 130 -26.41 -11.63 -16.06
CA ASP A 130 -27.65 -11.36 -15.36
C ASP A 130 -28.20 -9.97 -15.67
N ASP A 131 -27.47 -9.19 -16.48
CA ASP A 131 -27.81 -7.81 -16.85
C ASP A 131 -28.10 -6.94 -15.61
N ARG A 132 -27.59 -7.28 -14.42
CA ARG A 132 -27.88 -6.42 -13.27
C ARG A 132 -26.63 -6.15 -12.44
N THR A 133 -25.85 -7.19 -12.19
CA THR A 133 -24.71 -7.07 -11.31
C THR A 133 -23.56 -6.35 -11.99
N GLU A 134 -23.02 -5.34 -11.31
CA GLU A 134 -22.03 -4.41 -11.86
C GLU A 134 -20.70 -4.53 -11.14
N VAL A 135 -19.62 -4.66 -11.90
CA VAL A 135 -18.28 -4.84 -11.37
C VAL A 135 -17.40 -3.69 -11.86
N PRO A 136 -17.19 -2.66 -11.04
CA PRO A 136 -16.37 -1.52 -11.44
C PRO A 136 -15.01 -1.89 -12.03
N GLN A 137 -14.62 -1.15 -13.07
CA GLN A 137 -13.31 -1.26 -13.69
C GLN A 137 -12.56 0.04 -13.40
N LEU A 138 -11.78 0.02 -12.33
CA LEU A 138 -11.01 1.18 -11.91
C LEU A 138 -9.75 1.27 -12.76
N VAL A 139 -9.39 2.48 -13.13
CA VAL A 139 -8.27 2.63 -14.05
C VAL A 139 -6.98 2.30 -13.32
N ASN A 140 -6.07 1.62 -14.01
CA ASN A 140 -4.73 1.45 -13.49
C ASN A 140 -3.98 2.77 -13.53
N ALA A 141 -2.87 2.81 -12.81
CA ALA A 141 -1.99 3.96 -12.89
C ALA A 141 -1.30 3.98 -14.25
N ASN A 142 -1.23 5.19 -14.84
CA ASN A 142 -0.46 5.43 -16.06
C ASN A 142 -1.09 4.80 -17.27
N GLN A 143 -2.41 4.58 -17.25
CA GLN A 143 -3.05 3.77 -18.26
C GLN A 143 -4.45 4.31 -18.50
N TYR A 144 -5.03 3.94 -19.64
CA TYR A 144 -6.37 4.40 -19.94
C TYR A 144 -7.41 3.42 -19.44
N SER A 145 -8.63 3.90 -19.31
CA SER A 145 -9.76 3.02 -19.02
C SER A 145 -9.84 1.91 -20.05
N PRO A 146 -10.19 0.69 -19.65
CA PRO A 146 -10.52 -0.33 -20.64
C PRO A 146 -11.77 0.05 -21.42
N CYS A 147 -12.56 0.97 -20.87
CA CYS A 147 -13.82 1.43 -21.41
C CYS A 147 -13.66 2.72 -22.19
N VAL A 148 -12.44 3.04 -22.65
CA VAL A 148 -12.30 4.14 -23.61
C VAL A 148 -12.52 3.61 -25.01
N SER A 149 -12.48 2.29 -25.18
CA SER A 149 -12.87 1.66 -26.43
C SER A 149 -14.34 1.88 -26.77
N ILE A 150 -15.19 2.22 -25.80
CA ILE A 150 -16.63 2.40 -26.04
C ILE A 150 -17.12 3.79 -25.71
N VAL A 151 -16.26 4.69 -25.29
CA VAL A 151 -16.63 6.06 -24.96
C VAL A 151 -16.18 6.93 -26.11
N PRO A 152 -17.03 7.81 -26.63
CA PRO A 152 -16.57 8.69 -27.70
C PRO A 152 -15.55 9.69 -27.15
N SER A 153 -14.58 10.00 -28.00
CA SER A 153 -13.52 10.94 -27.64
C SER A 153 -14.05 12.25 -27.06
N THR A 154 -15.28 12.65 -27.43
CA THR A 154 -16.00 13.72 -26.73
C THR A 154 -17.46 13.33 -26.63
N VAL A 155 -18.00 13.38 -25.42
CA VAL A 155 -19.34 12.89 -25.14
C VAL A 155 -20.36 13.95 -25.53
N TRP A 156 -21.40 13.56 -26.27
CA TRP A 156 -22.33 14.53 -26.84
C TRP A 156 -23.28 15.06 -25.79
N GLU A 157 -23.79 14.18 -24.92
CA GLU A 157 -24.73 14.61 -23.90
C GLU A 157 -24.35 14.08 -22.53
N ASP A 158 -24.66 14.91 -21.52
CA ASP A 158 -24.48 14.55 -20.12
C ASP A 158 -25.34 13.31 -19.82
N GLY A 159 -24.70 12.25 -19.37
CA GLY A 159 -25.40 11.03 -19.01
C GLY A 159 -25.38 9.89 -20.03
N ASP A 160 -24.87 10.14 -21.24
CA ASP A 160 -24.83 9.10 -22.27
C ASP A 160 -24.16 7.85 -21.75
N TYR A 161 -24.66 6.71 -22.21
CA TYR A 161 -24.38 5.38 -21.67
C TYR A 161 -23.91 4.47 -22.78
N TYR A 162 -22.84 3.73 -22.56
CA TYR A 162 -22.23 2.96 -23.63
C TYR A 162 -22.09 1.50 -23.22
N ARG A 163 -21.96 0.64 -24.23
CA ARG A 163 -22.17 -0.78 -24.07
C ARG A 163 -21.45 -1.54 -25.18
N LYS A 164 -20.98 -2.73 -24.84
CA LYS A 164 -20.25 -3.61 -25.74
C LYS A 164 -20.29 -5.03 -25.17
N GLN A 165 -20.32 -6.02 -26.05
CA GLN A 165 -20.47 -7.42 -25.67
C GLN A 165 -19.08 -8.01 -25.43
N LEU A 166 -18.94 -8.76 -24.33
CA LEU A 166 -17.70 -9.41 -23.96
C LEU A 166 -17.78 -10.89 -24.26
N SER A 167 -16.65 -11.47 -24.65
CA SER A 167 -16.62 -12.89 -24.91
C SER A 167 -16.63 -13.62 -23.58
N PRO A 168 -16.94 -14.92 -23.57
CA PRO A 168 -16.93 -15.66 -22.31
C PRO A 168 -15.57 -15.72 -21.62
N LEU A 169 -14.45 -15.53 -22.33
CA LEU A 169 -13.16 -15.53 -21.63
C LEU A 169 -13.15 -14.47 -20.55
N GLU A 170 -13.75 -13.33 -20.83
CA GLU A 170 -13.84 -12.23 -19.89
C GLU A 170 -15.07 -12.33 -19.02
N GLY A 171 -15.70 -13.50 -18.95
CA GLY A 171 -16.89 -13.62 -18.14
C GLY A 171 -18.20 -13.39 -18.83
N GLY A 172 -18.22 -13.21 -20.16
CA GLY A 172 -19.47 -12.89 -20.80
C GLY A 172 -19.91 -11.49 -20.42
N GLY A 173 -21.21 -11.25 -20.46
CA GLY A 173 -21.75 -9.97 -20.08
C GLY A 173 -21.31 -8.82 -21.00
N TRP A 174 -21.48 -7.61 -20.48
CA TRP A 174 -21.15 -6.39 -21.21
C TRP A 174 -20.12 -5.54 -20.47
N LEU A 175 -19.37 -4.76 -21.26
CA LEU A 175 -18.56 -3.67 -20.74
C LEU A 175 -19.36 -2.39 -20.91
N VAL A 176 -19.56 -1.69 -19.81
CA VAL A 176 -20.54 -0.61 -19.72
C VAL A 176 -19.83 0.64 -19.23
N ALA A 177 -20.21 1.81 -19.75
CA ALA A 177 -19.63 3.05 -19.24
C ALA A 177 -20.63 4.18 -19.36
N SER A 178 -20.37 5.27 -18.68
CA SER A 178 -21.24 6.42 -18.76
C SER A 178 -20.42 7.70 -18.61
N GLY A 179 -20.86 8.76 -19.28
CA GLY A 179 -20.09 9.98 -19.35
C GLY A 179 -20.87 11.18 -18.83
N SER A 180 -20.13 12.15 -18.26
CA SER A 180 -20.66 13.46 -17.86
C SER A 180 -19.90 14.55 -18.61
N THR A 181 -20.53 15.72 -18.74
CA THR A 181 -19.97 16.82 -19.51
C THR A 181 -19.94 18.13 -18.73
N VAL A 182 -19.08 19.05 -19.18
CA VAL A 182 -19.05 20.41 -18.65
C VAL A 182 -18.96 21.38 -19.83
N ALA A 183 -19.75 22.45 -19.75
CA ALA A 183 -19.83 23.41 -20.85
C ALA A 183 -18.45 23.98 -21.14
N MET A 184 -18.08 23.97 -22.42
CA MET A 184 -16.86 24.65 -22.82
C MET A 184 -16.85 26.08 -22.29
N THR A 185 -15.67 26.56 -21.95
CA THR A 185 -15.48 27.87 -21.37
C THR A 185 -14.89 28.79 -22.42
N GLU A 186 -14.96 30.10 -22.16
CA GLU A 186 -14.57 31.05 -23.19
C GLU A 186 -13.12 30.85 -23.59
N GLN A 187 -12.25 30.65 -22.62
CA GLN A 187 -10.90 30.23 -22.89
C GLN A 187 -10.75 28.76 -22.52
N LEU A 188 -9.99 28.04 -23.33
CA LEU A 188 -9.77 26.65 -23.05
C LEU A 188 -8.94 26.56 -21.79
N GLN A 189 -9.44 25.79 -20.83
CA GLN A 189 -8.73 25.46 -19.62
C GLN A 189 -8.20 24.04 -19.78
N MET A 190 -7.03 23.77 -19.23
CA MET A 190 -6.38 22.47 -19.34
C MET A 190 -5.92 22.01 -17.96
N GLY A 191 -5.36 20.80 -17.95
CA GLY A 191 -4.78 20.15 -16.81
C GLY A 191 -3.55 19.41 -17.31
N PHE A 192 -2.46 19.41 -16.55
CA PHE A 192 -1.21 18.75 -16.93
C PHE A 192 -0.77 17.84 -15.80
N GLY A 193 -0.04 16.78 -16.15
CA GLY A 193 0.53 15.85 -15.20
C GLY A 193 2.00 15.61 -15.45
N ILE A 194 2.82 15.73 -14.39
CA ILE A 194 4.28 15.55 -14.45
C ILE A 194 4.68 14.46 -13.49
N THR A 195 5.57 13.57 -13.94
CA THR A 195 6.00 12.43 -13.16
C THR A 195 7.50 12.25 -13.38
N VAL A 196 8.27 12.24 -12.31
CA VAL A 196 9.71 12.10 -12.46
C VAL A 196 10.16 10.79 -11.83
N GLN A 197 11.25 10.28 -12.35
CA GLN A 197 11.89 9.05 -11.92
C GLN A 197 13.38 9.35 -11.86
N TYR A 198 14.03 8.97 -10.75
CA TYR A 198 15.46 9.17 -10.59
C TYR A 198 16.20 7.86 -10.75
N GLY A 199 17.35 7.91 -11.40
CA GLY A 199 18.07 6.68 -11.62
C GLY A 199 19.45 6.80 -11.02
N THR A 200 20.32 5.83 -11.30
CA THR A 200 21.58 5.81 -10.55
C THR A 200 22.64 6.63 -11.26
N ASP A 201 23.26 6.07 -12.29
CA ASP A 201 24.27 6.79 -13.05
C ASP A 201 23.73 7.22 -14.43
N THR A 202 22.42 7.49 -14.50
CA THR A 202 21.75 7.68 -15.78
C THR A 202 20.76 8.85 -15.76
N ASN A 203 21.01 9.89 -14.96
CA ASN A 203 20.10 11.04 -14.94
C ASN A 203 20.43 12.05 -16.03
N SER A 204 19.77 11.93 -17.17
CA SER A 204 20.07 12.78 -18.33
C SER A 204 18.95 13.73 -18.72
N VAL A 205 17.88 13.83 -17.94
CA VAL A 205 16.88 14.83 -18.23
C VAL A 205 17.01 15.93 -17.19
N CYS A 206 17.87 16.90 -17.47
CA CYS A 206 18.31 17.96 -16.58
C CYS A 206 17.96 19.34 -17.16
N PRO A 207 17.83 20.37 -16.31
CA PRO A 207 17.34 21.66 -16.80
C PRO A 207 18.38 22.39 -17.64
N LYS A 208 17.89 23.26 -18.51
CA LYS A 208 18.79 23.97 -19.39
C LYS A 208 19.33 25.20 -18.67
N LEU A 209 20.58 25.53 -18.97
CA LEU A 209 21.26 26.62 -18.27
C LEU A 209 22.26 27.34 -19.17
N GLY B 1 20.89 33.27 7.08
CA GLY B 1 20.58 33.02 8.47
C GLY B 1 21.28 31.79 9.06
N VAL B 2 20.58 31.00 9.87
CA VAL B 2 21.24 29.93 10.62
C VAL B 2 21.86 28.93 9.65
N GLU B 3 22.95 28.28 10.08
CA GLU B 3 23.47 27.15 9.34
C GLU B 3 23.05 25.86 10.03
N CYS B 4 22.75 24.84 9.24
CA CYS B 4 22.41 23.55 9.80
C CYS B 4 23.59 22.95 10.54
N ASP B 5 23.32 22.52 11.76
CA ASP B 5 24.35 22.12 12.68
C ASP B 5 24.43 20.60 12.73
N PHE B 6 25.49 20.04 12.15
CA PHE B 6 25.72 18.61 12.21
C PHE B 6 26.68 18.22 13.32
N SER B 7 27.19 19.18 14.10
CA SER B 7 28.16 18.92 15.17
C SER B 7 27.92 17.62 15.94
N PRO B 8 26.70 17.33 16.45
CA PRO B 8 26.52 16.12 17.27
C PRO B 8 27.16 14.87 16.68
N LEU B 9 27.21 14.80 15.35
CA LEU B 9 27.78 13.67 14.61
C LEU B 9 29.19 13.34 15.06
N LEU B 10 29.96 14.36 15.37
CA LEU B 10 31.39 14.24 15.60
C LEU B 10 31.75 13.95 17.06
N SER B 11 30.78 13.71 17.93
CA SER B 11 31.02 13.80 19.38
C SER B 11 30.25 12.70 20.10
N GLY B 12 30.90 11.57 20.30
CA GLY B 12 30.30 10.50 21.06
C GLY B 12 30.53 9.17 20.39
N THR B 13 29.81 8.18 20.90
CA THR B 13 29.69 6.86 20.31
C THR B 13 28.34 6.72 19.62
N PRO B 14 28.28 6.53 18.31
CA PRO B 14 26.98 6.40 17.63
C PRO B 14 26.23 5.18 18.12
N PRO B 15 24.93 5.29 18.38
CA PRO B 15 24.17 4.16 18.91
C PRO B 15 24.06 3.06 17.87
N GLN B 16 23.50 1.94 18.28
CA GLN B 16 23.26 0.86 17.33
C GLN B 16 22.03 1.15 16.50
N VAL B 17 21.85 0.37 15.43
CA VAL B 17 20.86 0.75 14.41
C VAL B 17 19.50 1.00 15.04
N TYR B 18 19.11 0.16 16.01
CA TYR B 18 17.80 0.30 16.61
C TYR B 18 17.74 1.44 17.62
N ASN B 19 18.85 2.07 17.92
CA ASN B 19 18.83 3.20 18.82
C ASN B 19 19.26 4.47 18.12
N PHE B 20 18.97 4.55 16.81
CA PHE B 20 19.47 5.60 15.95
C PHE B 20 19.18 6.97 16.54
N LYS B 21 20.20 7.84 16.47
CA LYS B 21 20.07 9.24 16.86
C LYS B 21 19.51 10.00 15.67
N ARG B 22 18.65 10.97 15.95
CA ARG B 22 17.94 11.66 14.88
C ARG B 22 18.04 13.15 15.09
N LEU B 23 18.65 13.84 14.13
CA LEU B 23 18.71 15.30 14.09
C LEU B 23 17.69 15.81 13.07
N VAL B 24 16.90 16.81 13.48
CA VAL B 24 15.77 17.31 12.72
C VAL B 24 16.00 18.79 12.46
N PHE B 25 15.96 19.18 11.20
CA PHE B 25 16.31 20.54 10.82
C PHE B 25 15.14 21.27 10.17
N THR B 26 14.90 22.50 10.62
CA THR B 26 14.04 23.47 9.98
C THR B 26 14.70 24.84 10.16
N ASN B 27 14.39 25.76 9.24
CA ASN B 27 14.94 27.13 9.20
C ASN B 27 16.45 27.14 9.35
N CYS B 28 17.11 26.50 8.40
CA CYS B 28 18.56 26.44 8.39
C CYS B 28 19.01 26.32 6.95
N ASN B 29 20.31 26.42 6.77
CA ASN B 29 20.98 26.17 5.50
C ASN B 29 22.04 25.11 5.73
N TYR B 30 22.13 24.14 4.81
CA TYR B 30 23.00 23.00 4.96
C TYR B 30 24.02 22.97 3.82
N ASN B 31 25.10 22.25 4.06
CA ASN B 31 26.15 21.92 3.10
C ASN B 31 26.44 20.44 3.32
N LEU B 32 25.59 19.61 2.72
CA LEU B 32 25.74 18.16 2.86
C LEU B 32 27.12 17.69 2.43
N THR B 33 27.69 18.31 1.40
CA THR B 33 28.97 17.82 0.87
C THR B 33 30.05 17.88 1.93
N LYS B 34 29.98 18.87 2.83
CA LYS B 34 30.92 18.92 3.93
C LYS B 34 30.71 17.75 4.89
N LEU B 35 29.46 17.44 5.19
CA LEU B 35 29.15 16.33 6.08
C LEU B 35 29.77 15.02 5.58
N LEU B 36 29.56 14.69 4.31
CA LEU B 36 30.05 13.41 3.79
C LEU B 36 31.55 13.37 3.61
N SER B 37 32.20 14.53 3.47
CA SER B 37 33.63 14.58 3.32
C SER B 37 34.36 14.18 4.59
N LEU B 38 33.69 14.25 5.74
CA LEU B 38 34.30 13.78 6.99
C LEU B 38 34.46 12.28 7.06
N PHE B 39 33.80 11.52 6.18
CA PHE B 39 33.86 10.07 6.18
C PHE B 39 34.35 9.58 4.82
N SER B 40 34.53 8.26 4.70
CA SER B 40 34.74 7.59 3.42
C SER B 40 33.44 6.90 3.05
N VAL B 41 32.68 7.55 2.16
CA VAL B 41 31.44 6.94 1.69
C VAL B 41 31.74 5.67 0.91
N ASN B 42 31.09 4.58 1.30
CA ASN B 42 31.16 3.37 0.49
C ASN B 42 29.90 3.18 -0.35
N ASP B 43 28.77 3.72 0.07
CA ASP B 43 27.52 3.52 -0.64
C ASP B 43 26.56 4.64 -0.30
N PHE B 44 25.84 5.13 -1.34
CA PHE B 44 25.07 6.37 -1.29
C PHE B 44 23.93 6.23 -2.30
N THR B 45 22.83 5.60 -1.88
CA THR B 45 21.73 5.34 -2.82
C THR B 45 20.40 5.82 -2.23
N CYS B 46 19.71 6.68 -2.98
CA CYS B 46 18.43 7.27 -2.60
C CYS B 46 17.24 6.58 -3.28
N SER B 47 16.03 7.05 -2.95
CA SER B 47 14.76 6.54 -3.44
C SER B 47 13.80 7.71 -3.60
N GLN B 48 13.36 7.97 -4.84
CA GLN B 48 12.52 9.11 -5.22
C GLN B 48 13.28 10.43 -5.18
N ILE B 49 14.60 10.33 -5.13
CA ILE B 49 15.51 11.46 -5.19
C ILE B 49 16.88 10.90 -5.55
N SER B 50 17.85 11.76 -5.79
CA SER B 50 19.17 11.35 -6.21
C SER B 50 20.22 11.83 -5.20
N PRO B 51 21.44 11.26 -5.23
CA PRO B 51 22.55 11.95 -4.52
C PRO B 51 22.67 13.40 -4.94
N ALA B 52 22.73 13.65 -6.25
CA ALA B 52 22.82 15.02 -6.75
C ALA B 52 21.67 15.89 -6.25
N ALA B 53 20.46 15.35 -6.22
CA ALA B 53 19.33 16.21 -5.91
C ALA B 53 19.25 16.54 -4.42
N ILE B 54 19.45 15.55 -3.55
CA ILE B 54 19.22 15.79 -2.13
C ILE B 54 20.21 16.77 -1.55
N ALA B 55 21.39 16.89 -2.15
CA ALA B 55 22.35 17.87 -1.68
C ALA B 55 22.00 19.29 -2.11
N SER B 56 21.06 19.48 -3.04
CA SER B 56 20.89 20.83 -3.58
C SER B 56 19.46 21.35 -3.55
N ASN B 57 18.54 20.72 -2.84
CA ASN B 57 17.17 21.19 -2.89
C ASN B 57 16.74 21.87 -1.60
N CYS B 58 15.62 22.55 -1.70
CA CYS B 58 14.98 23.31 -0.62
C CYS B 58 13.87 22.47 -0.03
N TYR B 59 13.88 22.27 1.28
CA TYR B 59 12.93 21.40 1.97
C TYR B 59 12.22 22.16 3.08
N SER B 60 11.03 21.69 3.46
CA SER B 60 10.40 22.20 4.67
C SER B 60 11.05 21.64 5.94
N SER B 61 11.46 20.36 5.93
CA SER B 61 12.23 19.78 7.02
C SER B 61 13.18 18.74 6.45
N LEU B 62 14.39 18.68 6.98
CA LEU B 62 15.32 17.60 6.69
C LEU B 62 15.63 16.87 7.98
N ILE B 63 15.61 15.55 7.92
CA ILE B 63 15.74 14.69 9.09
C ILE B 63 16.89 13.74 8.84
N LEU B 64 17.82 13.63 9.80
CA LEU B 64 19.03 12.85 9.62
C LEU B 64 19.19 11.85 10.76
N ASP B 65 19.39 10.59 10.39
CA ASP B 65 19.57 9.51 11.37
C ASP B 65 20.97 8.91 11.25
N TYR B 66 21.63 8.69 12.38
CA TYR B 66 22.95 8.05 12.30
C TYR B 66 23.08 7.00 13.40
N PHE B 67 23.88 5.99 13.10
CA PHE B 67 24.11 4.85 13.97
C PHE B 67 25.33 4.09 13.46
N SER B 68 25.85 3.21 14.30
CA SER B 68 26.90 2.31 13.89
C SER B 68 26.27 1.17 13.10
N TYR B 69 26.99 0.73 12.06
CA TYR B 69 26.44 -0.29 11.18
C TYR B 69 27.58 -0.93 10.41
N PRO B 70 27.65 -2.26 10.33
CA PRO B 70 28.75 -2.89 9.58
C PRO B 70 28.50 -2.89 8.07
N LEU B 71 29.56 -2.59 7.33
CA LEU B 71 29.51 -2.58 5.87
C LEU B 71 29.15 -3.94 5.29
N SER B 72 29.37 -5.02 6.04
CA SER B 72 29.04 -6.36 5.57
C SER B 72 27.56 -6.66 5.70
N MET B 73 26.78 -5.78 6.33
CA MET B 73 25.33 -5.90 6.35
C MET B 73 24.69 -4.91 5.39
N LYS B 74 25.38 -4.62 4.29
CA LYS B 74 24.87 -3.66 3.31
C LYS B 74 23.51 -4.11 2.78
N SER B 75 23.36 -5.41 2.51
CA SER B 75 22.14 -5.92 1.89
C SER B 75 20.94 -5.83 2.81
N ASP B 76 21.14 -5.75 4.12
CA ASP B 76 20.00 -5.70 5.02
C ASP B 76 19.49 -4.27 5.26
N LEU B 77 20.27 -3.26 4.89
CA LEU B 77 19.85 -1.87 5.06
C LEU B 77 19.44 -1.29 3.70
N SER B 78 18.16 -1.39 3.38
CA SER B 78 17.75 -1.01 2.05
C SER B 78 16.25 -0.70 2.02
N VAL B 79 15.88 0.33 1.25
CA VAL B 79 14.48 0.74 1.17
C VAL B 79 13.59 -0.38 0.66
N SER B 80 14.18 -1.39 0.01
CA SER B 80 13.46 -2.56 -0.47
C SER B 80 13.76 -3.81 0.37
N SER B 81 14.43 -3.68 1.50
CA SER B 81 14.75 -4.87 2.26
C SER B 81 13.53 -5.33 3.07
N ALA B 82 13.49 -6.64 3.34
CA ALA B 82 12.50 -7.21 4.26
C ALA B 82 13.18 -8.00 5.37
N GLY B 83 14.46 -7.73 5.61
CA GLY B 83 15.22 -8.45 6.60
C GLY B 83 14.97 -7.93 7.99
N PRO B 84 15.82 -8.36 8.92
CA PRO B 84 15.68 -7.93 10.33
C PRO B 84 15.79 -6.41 10.52
N ILE B 85 16.48 -5.69 9.64
CA ILE B 85 16.70 -4.26 9.89
C ILE B 85 15.42 -3.47 9.68
N SER B 86 14.71 -3.70 8.57
CA SER B 86 13.51 -2.90 8.34
C SER B 86 12.35 -3.33 9.22
N GLN B 87 12.36 -4.57 9.69
CA GLN B 87 11.24 -5.04 10.50
C GLN B 87 11.31 -4.57 11.94
N PHE B 88 12.48 -4.69 12.58
CA PHE B 88 12.56 -4.51 14.03
C PHE B 88 13.47 -3.38 14.48
N ASN B 89 14.28 -2.78 13.59
CA ASN B 89 15.26 -1.78 13.99
C ASN B 89 14.91 -0.41 13.43
N TYR B 90 14.95 -0.23 12.11
CA TYR B 90 14.93 1.09 11.50
C TYR B 90 14.18 1.05 10.18
N LYS B 91 13.09 1.79 10.08
CA LYS B 91 12.33 1.82 8.85
C LYS B 91 12.04 3.26 8.49
N GLN B 92 12.40 3.64 7.26
CA GLN B 92 12.09 4.99 6.82
C GLN B 92 10.69 5.03 6.21
N SER B 93 10.26 6.26 5.90
CA SER B 93 8.99 6.49 5.24
C SER B 93 9.00 5.86 3.86
N PHE B 94 7.82 5.40 3.41
CA PHE B 94 7.68 5.08 2.00
C PHE B 94 7.16 6.27 1.21
N SER B 95 6.41 7.16 1.87
CA SER B 95 5.78 8.31 1.23
C SER B 95 6.65 9.56 1.25
N ASN B 96 7.97 9.43 1.41
CA ASN B 96 8.84 10.60 1.32
C ASN B 96 10.14 10.21 0.63
N PRO B 97 10.76 11.13 -0.12
CA PRO B 97 12.07 10.82 -0.66
C PRO B 97 13.03 10.59 0.50
N THR B 98 13.86 9.57 0.36
CA THR B 98 14.77 9.21 1.43
C THR B 98 16.07 8.76 0.81
N CYS B 99 17.08 8.63 1.67
CA CYS B 99 18.41 8.23 1.23
C CYS B 99 19.08 7.39 2.31
N LEU B 100 20.05 6.59 1.89
CA LEU B 100 20.74 5.65 2.78
C LEU B 100 22.24 5.70 2.49
N ILE B 101 23.04 6.10 3.49
CA ILE B 101 24.48 6.20 3.33
C ILE B 101 25.17 5.18 4.23
N LEU B 102 26.22 4.56 3.69
CA LEU B 102 27.09 3.64 4.39
C LEU B 102 28.50 4.23 4.33
N ALA B 103 29.06 4.59 5.48
CA ALA B 103 30.36 5.22 5.50
C ALA B 103 31.25 4.49 6.49
N THR B 104 32.50 4.92 6.52
CA THR B 104 33.49 4.43 7.45
C THR B 104 34.18 5.65 8.05
N VAL B 105 34.31 5.65 9.37
CA VAL B 105 34.94 6.71 10.13
C VAL B 105 36.44 6.63 9.93
N PRO B 106 37.07 7.64 9.31
CA PRO B 106 38.52 7.57 9.10
C PRO B 106 39.27 7.71 10.41
N HIS B 107 40.47 7.15 10.44
CA HIS B 107 41.23 7.05 11.68
C HIS B 107 41.52 8.41 12.29
N ASN B 108 41.77 9.42 11.47
CA ASN B 108 42.13 10.74 11.96
C ASN B 108 40.94 11.54 12.48
N LEU B 109 39.74 10.96 12.46
CA LEU B 109 38.54 11.55 13.07
C LEU B 109 38.40 10.97 14.47
N THR B 110 39.08 11.60 15.45
CA THR B 110 39.31 10.89 16.71
C THR B 110 38.19 11.04 17.73
N THR B 111 37.27 11.99 17.57
CA THR B 111 36.22 12.12 18.56
C THR B 111 35.01 11.24 18.30
N ILE B 112 35.12 10.28 17.38
CA ILE B 112 34.08 9.30 17.15
C ILE B 112 34.63 7.98 17.68
N THR B 113 34.05 7.52 18.78
CA THR B 113 34.60 6.41 19.56
C THR B 113 33.74 5.17 19.33
N LYS B 114 34.41 4.01 19.23
CA LYS B 114 33.73 2.77 18.87
C LYS B 114 32.90 2.23 20.02
N PRO B 115 31.85 1.48 19.71
CA PRO B 115 31.18 0.67 20.72
C PRO B 115 31.84 -0.70 20.83
N LEU B 116 31.39 -1.53 21.78
CA LEU B 116 31.97 -2.86 21.94
C LEU B 116 31.86 -3.66 20.65
N LYS B 117 30.70 -3.61 20.00
CA LYS B 117 30.43 -4.33 18.76
C LYS B 117 29.20 -3.70 18.10
N TYR B 118 28.84 -4.22 16.93
CA TYR B 118 27.61 -3.83 16.26
C TYR B 118 26.53 -4.81 16.68
N SER B 119 25.30 -4.32 16.87
CA SER B 119 24.22 -5.21 17.24
C SER B 119 22.88 -4.73 16.67
N TYR B 120 22.04 -5.67 16.25
CA TYR B 120 20.71 -5.37 15.73
C TYR B 120 19.72 -6.33 16.35
N ILE B 121 18.52 -5.83 16.66
CA ILE B 121 17.43 -6.69 17.11
C ILE B 121 17.05 -7.59 15.92
N ASN B 122 17.31 -8.89 16.03
CA ASN B 122 17.00 -9.84 14.96
C ASN B 122 15.60 -10.41 15.07
N LYS B 123 14.92 -10.17 16.19
CA LYS B 123 13.57 -10.64 16.39
C LYS B 123 12.95 -9.83 17.52
N CYS B 124 11.77 -9.29 17.29
CA CYS B 124 10.95 -8.74 18.36
C CYS B 124 9.53 -9.20 18.09
N SER B 125 9.00 -10.04 18.96
CA SER B 125 7.63 -10.49 18.84
C SER B 125 6.88 -10.12 20.11
N ARG B 126 5.68 -10.66 20.25
CA ARG B 126 4.92 -10.59 21.49
C ARG B 126 4.19 -11.92 21.60
N LEU B 127 4.53 -12.71 22.60
CA LEU B 127 3.85 -14.00 22.75
C LEU B 127 2.73 -13.89 23.75
N LEU B 128 1.78 -14.80 23.61
CA LEU B 128 0.54 -14.79 24.38
C LEU B 128 0.71 -15.60 25.67
N SER B 129 -0.38 -15.67 26.44
CA SER B 129 -0.36 -16.30 27.75
C SER B 129 0.16 -17.73 27.71
N ASP B 130 0.02 -18.39 26.55
CA ASP B 130 0.34 -19.79 26.28
C ASP B 130 1.83 -20.12 26.20
N ASP B 131 2.72 -19.13 26.29
CA ASP B 131 4.17 -19.36 26.17
C ASP B 131 4.58 -20.11 24.89
N ARG B 132 3.80 -19.96 23.81
CA ARG B 132 4.17 -20.60 22.54
C ARG B 132 3.93 -19.75 21.29
N THR B 133 2.77 -19.10 21.17
CA THR B 133 2.37 -18.37 19.96
C THR B 133 3.09 -17.03 19.84
N GLU B 134 3.71 -16.76 18.68
CA GLU B 134 4.55 -15.57 18.53
C GLU B 134 3.94 -14.60 17.51
N VAL B 135 3.72 -13.37 17.94
CA VAL B 135 3.06 -12.35 17.13
C VAL B 135 4.06 -11.21 16.92
N PRO B 136 4.66 -11.12 15.74
CA PRO B 136 5.64 -10.07 15.46
C PRO B 136 5.14 -8.67 15.83
N GLN B 137 6.06 -7.87 16.36
CA GLN B 137 5.87 -6.43 16.56
C GLN B 137 6.78 -5.74 15.56
N LEU B 138 6.24 -5.41 14.39
CA LEU B 138 7.02 -4.75 13.36
C LEU B 138 7.13 -3.27 13.68
N VAL B 139 8.32 -2.72 13.46
CA VAL B 139 8.61 -1.34 13.85
C VAL B 139 7.93 -0.40 12.87
N ASN B 140 7.37 0.67 13.41
CA ASN B 140 6.83 1.72 12.57
C ASN B 140 7.94 2.49 11.90
N ALA B 141 7.57 3.14 10.79
CA ALA B 141 8.49 4.03 10.10
C ALA B 141 8.76 5.25 10.96
N ASN B 142 10.02 5.68 10.98
CA ASN B 142 10.48 6.90 11.66
C ASN B 142 10.47 6.75 13.17
N GLN B 143 10.58 5.52 13.68
CA GLN B 143 10.36 5.24 15.11
C GLN B 143 11.24 4.10 15.62
N TYR B 144 11.36 4.00 16.96
CA TYR B 144 12.17 2.95 17.58
C TYR B 144 11.33 1.71 17.84
N SER B 145 12.01 0.57 17.94
CA SER B 145 11.30 -0.64 18.33
C SER B 145 10.71 -0.47 19.71
N PRO B 146 9.51 -1.00 19.98
CA PRO B 146 9.02 -0.99 21.37
C PRO B 146 9.90 -1.79 22.29
N CYS B 147 10.74 -2.66 21.71
CA CYS B 147 11.62 -3.56 22.45
C CYS B 147 13.02 -2.99 22.63
N VAL B 148 13.17 -1.65 22.57
CA VAL B 148 14.40 -1.02 23.06
C VAL B 148 14.33 -0.82 24.57
N SER B 149 13.14 -0.92 25.17
CA SER B 149 13.04 -0.95 26.62
C SER B 149 13.68 -2.19 27.22
N ILE B 150 13.85 -3.25 26.45
CA ILE B 150 14.38 -4.50 26.97
C ILE B 150 15.70 -4.91 26.31
N VAL B 151 16.24 -4.11 25.41
CA VAL B 151 17.52 -4.42 24.76
C VAL B 151 18.59 -3.47 25.27
N PRO B 152 19.75 -3.97 25.70
CA PRO B 152 20.84 -3.09 26.11
C PRO B 152 21.42 -2.33 24.94
N SER B 153 21.97 -1.14 25.24
CA SER B 153 22.58 -0.31 24.20
C SER B 153 23.57 -1.10 23.35
N THR B 154 24.13 -2.18 23.89
CA THR B 154 24.95 -3.10 23.11
C THR B 154 24.69 -4.53 23.56
N VAL B 155 24.44 -5.41 22.59
CA VAL B 155 24.08 -6.80 22.89
C VAL B 155 25.31 -7.58 23.36
N TRP B 156 25.14 -8.36 24.42
CA TRP B 156 26.31 -8.93 25.06
C TRP B 156 26.79 -10.22 24.39
N GLU B 157 25.89 -11.10 23.99
CA GLU B 157 26.28 -12.28 23.24
C GLU B 157 25.36 -12.45 22.05
N ASP B 158 25.92 -12.99 20.98
CA ASP B 158 25.11 -13.33 19.83
C ASP B 158 24.04 -14.33 20.25
N GLY B 159 22.79 -13.99 19.97
CA GLY B 159 21.65 -14.83 20.26
C GLY B 159 20.90 -14.49 21.52
N ASP B 160 21.44 -13.58 22.34
CA ASP B 160 20.84 -13.26 23.64
C ASP B 160 19.39 -12.85 23.49
N TYR B 161 18.59 -13.25 24.47
CA TYR B 161 17.14 -13.24 24.42
C TYR B 161 16.62 -12.48 25.63
N TYR B 162 15.63 -11.62 25.40
CA TYR B 162 15.12 -10.74 26.43
C TYR B 162 13.61 -10.87 26.52
N ARG B 163 13.09 -10.50 27.70
CA ARG B 163 11.70 -10.74 28.06
C ARG B 163 11.35 -9.74 29.16
N LYS B 164 10.07 -9.35 29.19
CA LYS B 164 9.50 -8.44 30.17
C LYS B 164 8.01 -8.75 30.21
N GLN B 165 7.40 -8.59 31.37
CA GLN B 165 6.02 -9.01 31.53
C GLN B 165 5.09 -7.87 31.13
N LEU B 166 4.06 -8.22 30.35
CA LEU B 166 3.06 -7.28 29.86
C LEU B 166 1.80 -7.39 30.72
N SER B 167 1.14 -6.25 30.90
CA SER B 167 -0.12 -6.18 31.64
C SER B 167 -1.28 -6.67 30.78
N PRO B 168 -2.44 -6.96 31.39
CA PRO B 168 -3.61 -7.35 30.59
C PRO B 168 -4.07 -6.30 29.60
N LEU B 169 -3.72 -5.02 29.81
CA LEU B 169 -4.04 -4.00 28.82
C LEU B 169 -3.38 -4.30 27.48
N GLU B 170 -2.13 -4.79 27.50
CA GLU B 170 -1.40 -5.10 26.30
C GLU B 170 -1.64 -6.52 25.79
N GLY B 171 -2.66 -7.19 26.31
CA GLY B 171 -2.94 -8.58 26.02
C GLY B 171 -2.26 -9.56 26.95
N GLY B 172 -1.48 -9.07 27.91
CA GLY B 172 -0.72 -9.95 28.75
C GLY B 172 0.44 -10.60 28.01
N GLY B 173 0.85 -11.77 28.51
CA GLY B 173 2.00 -12.38 27.92
C GLY B 173 3.24 -11.58 28.26
N TRP B 174 4.29 -11.80 27.47
CA TRP B 174 5.55 -11.11 27.62
C TRP B 174 5.91 -10.42 26.29
N LEU B 175 6.70 -9.35 26.38
CA LEU B 175 7.32 -8.73 25.21
C LEU B 175 8.72 -9.30 25.07
N VAL B 176 9.01 -9.88 23.92
CA VAL B 176 10.19 -10.72 23.74
C VAL B 176 11.02 -10.19 22.58
N ALA B 177 12.34 -10.24 22.72
CA ALA B 177 13.26 -9.85 21.66
C ALA B 177 14.55 -10.65 21.80
N SER B 178 15.34 -10.64 20.72
CA SER B 178 16.63 -11.33 20.75
C SER B 178 17.60 -10.59 19.84
N GLY B 179 18.88 -10.65 20.17
CA GLY B 179 19.88 -9.82 19.52
C GLY B 179 21.01 -10.58 18.85
N SER B 180 21.53 -9.96 17.78
CA SER B 180 22.71 -10.44 17.06
C SER B 180 23.83 -9.41 17.16
N THR B 181 25.06 -9.87 16.95
CA THR B 181 26.25 -9.02 17.03
C THR B 181 27.08 -9.24 15.77
N VAL B 182 27.90 -8.26 15.41
CA VAL B 182 28.86 -8.38 14.32
C VAL B 182 30.17 -7.82 14.83
N ALA B 183 31.28 -8.46 14.49
CA ALA B 183 32.58 -8.08 15.05
C ALA B 183 32.91 -6.64 14.73
N MET B 184 33.24 -5.87 15.77
CA MET B 184 33.73 -4.51 15.56
C MET B 184 34.84 -4.52 14.53
N THR B 185 34.95 -3.45 13.77
CA THR B 185 35.94 -3.39 12.70
C THR B 185 37.08 -2.49 13.13
N GLU B 186 38.20 -2.59 12.41
CA GLU B 186 39.36 -1.79 12.76
C GLU B 186 39.06 -0.30 12.68
N GLN B 187 38.24 0.08 11.72
CA GLN B 187 37.62 1.39 11.69
C GLN B 187 36.11 1.26 11.93
N LEU B 188 35.54 2.23 12.67
CA LEU B 188 34.11 2.21 12.90
C LEU B 188 33.38 2.49 11.60
N GLN B 189 32.45 1.61 11.23
CA GLN B 189 31.59 1.81 10.07
C GLN B 189 30.18 2.21 10.52
N MET B 190 29.56 3.11 9.79
CA MET B 190 28.29 3.69 10.19
C MET B 190 27.27 3.56 9.06
N GLY B 191 26.05 4.02 9.35
CA GLY B 191 24.97 4.07 8.41
C GLY B 191 24.17 5.32 8.68
N PHE B 192 23.70 5.99 7.63
CA PHE B 192 22.98 7.24 7.76
C PHE B 192 21.68 7.18 6.98
N GLY B 193 20.65 7.84 7.50
CA GLY B 193 19.39 7.94 6.80
C GLY B 193 18.91 9.38 6.73
N ILE B 194 18.57 9.86 5.53
CA ILE B 194 18.19 11.24 5.28
C ILE B 194 16.76 11.26 4.75
N THR B 195 15.95 12.18 5.26
CA THR B 195 14.55 12.27 4.86
C THR B 195 14.15 13.72 4.69
N VAL B 196 13.65 14.05 3.51
CA VAL B 196 13.24 15.40 3.19
C VAL B 196 11.73 15.40 3.01
N GLN B 197 11.12 16.53 3.32
CA GLN B 197 9.68 16.72 3.19
C GLN B 197 9.46 18.09 2.56
N TYR B 198 8.60 18.19 1.54
CA TYR B 198 8.35 19.45 0.85
C TYR B 198 7.02 20.06 1.27
N GLY B 199 6.96 21.37 1.27
CA GLY B 199 5.76 22.07 1.67
C GLY B 199 5.32 23.03 0.59
N THR B 200 4.45 23.98 0.95
CA THR B 200 3.92 24.93 -0.02
C THR B 200 4.74 26.22 -0.04
N ASP B 201 4.54 27.09 0.96
CA ASP B 201 5.32 28.32 1.10
C ASP B 201 6.24 28.23 2.33
N THR B 202 6.78 27.05 2.59
CA THR B 202 7.54 26.82 3.81
C THR B 202 8.82 26.04 3.53
N ASN B 203 9.45 26.23 2.37
CA ASN B 203 10.73 25.56 2.20
C ASN B 203 11.85 26.42 2.78
N SER B 204 12.18 26.15 4.04
CA SER B 204 13.20 26.91 4.74
C SER B 204 14.44 26.09 5.08
N VAL B 205 14.53 24.85 4.61
CA VAL B 205 15.79 24.13 4.73
C VAL B 205 16.39 24.09 3.33
N CYS B 206 17.20 25.10 3.03
CA CYS B 206 17.72 25.33 1.70
C CYS B 206 19.25 25.22 1.71
N PRO B 207 19.88 24.86 0.60
CA PRO B 207 21.32 24.58 0.62
C PRO B 207 22.18 25.83 0.72
N LYS B 208 23.43 25.63 1.14
CA LYS B 208 24.34 26.75 1.32
C LYS B 208 25.03 27.10 0.00
N LEU B 209 25.36 28.39 -0.15
CA LEU B 209 25.93 28.93 -1.38
C LEU B 209 26.84 30.07 -1.04
N GLU C 1 -6.25 -12.13 1.06
CA GLU C 1 -5.35 -12.68 0.05
C GLU C 1 -6.09 -13.65 -0.88
N VAL C 2 -5.64 -13.74 -2.13
CA VAL C 2 -6.25 -14.60 -3.11
C VAL C 2 -5.46 -15.91 -3.18
N GLN C 3 -6.18 -17.04 -2.98
CA GLN C 3 -5.59 -18.37 -3.01
C GLN C 3 -6.45 -19.29 -3.89
N LEU C 4 -5.81 -20.27 -4.52
CA LEU C 4 -6.49 -21.18 -5.46
C LEU C 4 -5.87 -22.56 -5.35
N VAL C 5 -6.55 -23.47 -4.64
CA VAL C 5 -6.00 -24.79 -4.33
C VAL C 5 -6.77 -25.85 -5.10
N GLU C 6 -6.03 -26.60 -5.92
CA GLU C 6 -6.47 -27.78 -6.63
C GLU C 6 -6.27 -29.01 -5.77
N SER C 7 -6.88 -30.12 -6.16
CA SER C 7 -6.63 -31.41 -5.52
C SER C 7 -7.07 -32.50 -6.49
N GLY C 8 -7.22 -33.71 -5.99
CA GLY C 8 -7.74 -34.78 -6.82
C GLY C 8 -6.73 -35.40 -7.76
N GLY C 9 -5.73 -34.64 -8.19
CA GLY C 9 -4.77 -35.18 -9.13
C GLY C 9 -4.08 -36.43 -8.61
N GLY C 10 -3.54 -37.20 -9.53
CA GLY C 10 -2.87 -38.41 -9.11
C GLY C 10 -2.52 -39.37 -10.22
N LEU C 11 -2.61 -40.67 -9.91
CA LEU C 11 -2.30 -41.76 -10.83
C LEU C 11 -3.57 -42.49 -11.23
N VAL C 12 -3.67 -42.85 -12.51
CA VAL C 12 -4.76 -43.70 -13.00
C VAL C 12 -4.29 -44.44 -14.24
N GLN C 13 -4.81 -45.66 -14.41
CA GLN C 13 -4.60 -46.45 -15.63
C GLN C 13 -5.34 -45.81 -16.79
N PRO C 14 -4.85 -45.99 -18.03
CA PRO C 14 -5.55 -45.42 -19.18
C PRO C 14 -7.01 -45.83 -19.20
N GLY C 15 -7.87 -44.88 -19.57
CA GLY C 15 -9.30 -45.11 -19.63
C GLY C 15 -10.04 -45.07 -18.30
N ARG C 16 -9.35 -44.77 -17.20
CA ARG C 16 -9.99 -44.71 -15.89
C ARG C 16 -10.69 -43.36 -15.69
N SER C 17 -10.94 -43.01 -14.44
CA SER C 17 -11.58 -41.74 -14.08
C SER C 17 -10.85 -41.04 -12.96
N LEU C 18 -11.00 -39.72 -12.94
CA LEU C 18 -10.32 -38.85 -11.99
C LEU C 18 -11.10 -37.55 -11.92
N ARG C 19 -11.47 -37.13 -10.71
CA ARG C 19 -12.21 -35.88 -10.50
C ARG C 19 -11.29 -34.86 -9.82
N LEU C 20 -11.13 -33.71 -10.44
CA LEU C 20 -10.33 -32.62 -9.87
C LEU C 20 -11.22 -31.61 -9.17
N SER C 21 -10.64 -30.91 -8.20
CA SER C 21 -11.33 -29.82 -7.51
C SER C 21 -10.50 -28.55 -7.64
N CYS C 22 -11.07 -27.44 -7.19
CA CYS C 22 -10.32 -26.19 -7.05
C CYS C 22 -11.14 -25.26 -6.17
N ALA C 23 -10.63 -24.95 -4.98
CA ALA C 23 -11.29 -24.05 -4.05
C ALA C 23 -10.67 -22.67 -4.13
N ALA C 24 -11.49 -21.64 -3.95
CA ALA C 24 -11.06 -20.26 -4.12
C ALA C 24 -11.41 -19.42 -2.90
N SER C 25 -10.64 -18.34 -2.72
CA SER C 25 -10.86 -17.36 -1.66
C SER C 25 -10.14 -16.06 -2.01
N GLY C 26 -10.65 -14.97 -1.44
CA GLY C 26 -10.02 -13.68 -1.59
C GLY C 26 -10.62 -12.75 -2.61
N PHE C 27 -11.75 -13.12 -3.21
CA PHE C 27 -12.44 -12.27 -4.16
C PHE C 27 -13.90 -12.69 -4.22
N THR C 28 -14.72 -11.88 -4.89
CA THR C 28 -16.12 -12.24 -5.12
C THR C 28 -16.16 -13.26 -6.24
N PHE C 29 -16.35 -14.52 -5.85
CA PHE C 29 -16.35 -15.66 -6.76
C PHE C 29 -17.43 -15.52 -7.83
N SER C 30 -18.64 -15.16 -7.44
CA SER C 30 -19.76 -15.05 -8.35
C SER C 30 -19.57 -13.92 -9.36
N ASN C 31 -18.35 -13.45 -9.56
CA ASN C 31 -18.08 -12.45 -10.58
C ASN C 31 -17.11 -12.91 -11.67
N TYR C 32 -16.55 -14.09 -11.59
CA TYR C 32 -15.49 -14.43 -12.52
C TYR C 32 -15.75 -15.75 -13.22
N ALA C 33 -15.42 -15.78 -14.50
CA ALA C 33 -15.35 -17.05 -15.20
C ALA C 33 -14.10 -17.79 -14.74
N MET C 34 -14.24 -19.09 -14.56
CA MET C 34 -13.15 -19.91 -14.07
C MET C 34 -12.86 -20.97 -15.10
N TYR C 35 -11.58 -21.35 -15.23
CA TYR C 35 -11.24 -22.29 -16.26
C TYR C 35 -9.98 -23.07 -15.89
N TRP C 36 -9.79 -24.19 -16.57
CA TRP C 36 -8.69 -25.11 -16.33
C TRP C 36 -7.71 -25.05 -17.50
N VAL C 37 -6.43 -24.94 -17.21
CA VAL C 37 -5.39 -25.01 -18.21
C VAL C 37 -4.40 -26.09 -17.79
N ARG C 38 -3.91 -26.87 -18.75
CA ARG C 38 -3.00 -27.96 -18.45
C ARG C 38 -1.68 -27.78 -19.18
N GLN C 39 -0.63 -28.36 -18.60
CA GLN C 39 0.70 -28.29 -19.18
C GLN C 39 1.36 -29.66 -19.07
N ALA C 40 1.64 -30.27 -20.22
CA ALA C 40 2.44 -31.48 -20.22
C ALA C 40 3.90 -31.11 -19.93
N PRO C 41 4.62 -31.93 -19.17
CA PRO C 41 5.98 -31.56 -18.76
C PRO C 41 6.86 -31.22 -19.97
N GLY C 42 7.50 -30.06 -19.90
CA GLY C 42 8.36 -29.57 -20.96
C GLY C 42 7.66 -28.97 -22.16
N LYS C 43 6.34 -28.85 -22.14
CA LYS C 43 5.59 -28.34 -23.28
C LYS C 43 4.79 -27.10 -22.82
N GLY C 44 4.06 -26.52 -23.79
CA GLY C 44 3.30 -25.29 -23.57
C GLY C 44 1.94 -25.51 -22.90
N LEU C 45 1.33 -24.40 -22.50
CA LEU C 45 -0.01 -24.43 -21.92
C LEU C 45 -1.06 -24.67 -23.00
N GLU C 46 -2.07 -25.49 -22.67
CA GLU C 46 -3.19 -25.78 -23.54
C GLU C 46 -4.48 -25.60 -22.78
N TRP C 47 -5.42 -24.86 -23.38
CA TRP C 47 -6.67 -24.54 -22.71
C TRP C 47 -7.61 -25.74 -22.78
N VAL C 48 -8.25 -26.01 -21.64
CA VAL C 48 -8.96 -27.26 -21.39
C VAL C 48 -10.46 -27.04 -21.33
N ALA C 49 -10.92 -26.24 -20.37
CA ALA C 49 -12.35 -26.06 -20.17
C ALA C 49 -12.55 -24.76 -19.43
N LEU C 50 -13.76 -24.22 -19.52
CA LEU C 50 -14.15 -22.99 -18.87
C LEU C 50 -15.59 -23.15 -18.41
N ILE C 51 -15.93 -22.61 -17.26
CA ILE C 51 -17.33 -22.57 -16.86
C ILE C 51 -17.66 -21.21 -16.30
N SER C 52 -18.86 -20.76 -16.57
CA SER C 52 -19.30 -19.45 -16.16
C SER C 52 -19.69 -19.41 -14.68
N TYR C 53 -19.87 -18.19 -14.19
CA TYR C 53 -20.26 -17.94 -12.81
C TYR C 53 -21.75 -18.19 -12.57
N ASP C 54 -22.44 -18.84 -13.50
CA ASP C 54 -23.85 -19.16 -13.24
C ASP C 54 -24.14 -20.63 -13.45
N ILE C 55 -23.09 -21.48 -13.46
CA ILE C 55 -23.17 -22.89 -13.83
C ILE C 55 -23.90 -22.90 -15.18
N SER C 56 -23.51 -21.90 -15.97
CA SER C 56 -24.10 -21.72 -17.29
C SER C 56 -23.71 -22.85 -18.19
N THR C 57 -23.24 -22.29 -19.31
CA THR C 57 -22.43 -22.84 -20.35
C THR C 57 -21.05 -23.15 -19.81
N ASP C 58 -20.42 -24.05 -20.53
CA ASP C 58 -19.12 -24.59 -20.29
C ASP C 58 -18.50 -24.71 -21.67
N TYR C 59 -17.19 -24.68 -21.73
CA TYR C 59 -16.55 -24.73 -23.02
C TYR C 59 -15.47 -25.78 -22.92
N TYR C 60 -15.18 -26.43 -24.03
CA TYR C 60 -14.25 -27.54 -24.02
C TYR C 60 -13.30 -27.42 -25.19
N ALA C 61 -12.10 -27.97 -25.01
CA ALA C 61 -11.18 -28.07 -26.11
C ALA C 61 -11.50 -29.33 -26.87
N ASP C 62 -11.29 -29.29 -28.18
CA ASP C 62 -11.59 -30.43 -29.03
C ASP C 62 -10.78 -31.64 -28.60
N SER C 63 -9.64 -31.42 -27.94
CA SER C 63 -8.85 -32.50 -27.36
C SER C 63 -9.63 -33.27 -26.28
N VAL C 64 -10.64 -32.66 -25.67
CA VAL C 64 -11.30 -33.22 -24.50
C VAL C 64 -12.82 -33.29 -24.64
N LYS C 65 -13.39 -32.89 -25.79
CA LYS C 65 -14.83 -32.95 -26.00
C LYS C 65 -15.37 -34.34 -25.67
N GLY C 66 -16.53 -34.36 -25.00
CA GLY C 66 -17.22 -35.59 -24.64
C GLY C 66 -16.62 -36.41 -23.52
N ARG C 67 -15.38 -36.16 -23.11
CA ARG C 67 -14.78 -36.90 -22.01
C ARG C 67 -14.75 -36.08 -20.73
N PHE C 68 -14.32 -34.83 -20.82
CA PHE C 68 -14.23 -33.95 -19.67
C PHE C 68 -15.55 -33.21 -19.43
N THR C 69 -15.78 -32.89 -18.16
CA THR C 69 -16.90 -32.08 -17.72
C THR C 69 -16.41 -31.10 -16.67
N ILE C 70 -16.76 -29.82 -16.83
CA ILE C 70 -16.43 -28.79 -15.85
C ILE C 70 -17.70 -28.47 -15.07
N SER C 71 -17.55 -28.37 -13.75
CA SER C 71 -18.67 -28.17 -12.83
C SER C 71 -18.34 -27.03 -11.87
N ARG C 72 -19.35 -26.52 -11.18
CA ARG C 72 -19.12 -25.33 -10.38
C ARG C 72 -20.16 -25.26 -9.26
N ASP C 73 -19.70 -24.78 -8.10
CA ASP C 73 -20.54 -24.61 -6.91
C ASP C 73 -20.17 -23.28 -6.26
N ASN C 74 -21.10 -22.31 -6.35
CA ASN C 74 -20.85 -20.96 -5.85
C ASN C 74 -20.99 -20.88 -4.33
N SER C 75 -21.70 -21.82 -3.71
CA SER C 75 -21.80 -21.82 -2.26
C SER C 75 -20.51 -22.28 -1.59
N LYS C 76 -19.65 -23.01 -2.30
CA LYS C 76 -18.36 -23.45 -1.82
C LYS C 76 -17.18 -22.76 -2.51
N ASN C 77 -17.45 -21.80 -3.40
CA ASN C 77 -16.41 -21.15 -4.21
C ASN C 77 -15.47 -22.18 -4.85
N THR C 78 -16.07 -23.22 -5.46
CA THR C 78 -15.32 -24.38 -5.92
C THR C 78 -15.66 -24.72 -7.36
N ILE C 79 -14.67 -25.32 -8.03
CA ILE C 79 -14.74 -25.84 -9.39
C ILE C 79 -14.32 -27.29 -9.40
N TYR C 80 -14.91 -28.04 -10.34
CA TYR C 80 -14.63 -29.43 -10.57
C TYR C 80 -14.28 -29.67 -12.03
N LEU C 81 -13.34 -30.56 -12.28
CA LEU C 81 -13.06 -31.03 -13.64
C LEU C 81 -13.12 -32.56 -13.64
N GLN C 82 -14.22 -33.12 -14.14
CA GLN C 82 -14.37 -34.56 -14.25
C GLN C 82 -13.69 -35.06 -15.52
N MET C 83 -12.83 -36.07 -15.38
CA MET C 83 -12.11 -36.64 -16.50
C MET C 83 -12.47 -38.11 -16.66
N ASN C 84 -12.85 -38.51 -17.86
CA ASN C 84 -13.27 -39.88 -18.14
C ASN C 84 -12.60 -40.39 -19.41
N ASN C 85 -12.47 -41.71 -19.49
CA ASN C 85 -11.67 -42.40 -20.50
C ASN C 85 -10.37 -41.65 -20.77
N LEU C 86 -9.60 -41.44 -19.71
CA LEU C 86 -8.36 -40.69 -19.85
C LEU C 86 -7.41 -41.42 -20.81
N ARG C 87 -6.37 -40.70 -21.21
CA ARG C 87 -5.47 -41.18 -22.26
C ARG C 87 -4.07 -40.68 -21.92
N THR C 88 -3.08 -41.17 -22.68
CA THR C 88 -1.70 -40.77 -22.40
C THR C 88 -1.46 -39.31 -22.75
N GLU C 89 -2.29 -38.73 -23.61
CA GLU C 89 -2.20 -37.32 -23.94
C GLU C 89 -2.77 -36.44 -22.83
N ASP C 90 -3.55 -37.01 -21.90
CA ASP C 90 -4.06 -36.26 -20.76
C ASP C 90 -3.02 -36.08 -19.65
N THR C 91 -1.81 -36.63 -19.79
CA THR C 91 -0.77 -36.41 -18.79
C THR C 91 -0.36 -34.93 -18.81
N ALA C 92 -0.51 -34.26 -17.66
CA ALA C 92 -0.24 -32.83 -17.57
C ALA C 92 -0.31 -32.37 -16.11
N LEU C 93 0.05 -31.10 -15.91
CA LEU C 93 -0.16 -30.38 -14.65
C LEU C 93 -1.41 -29.55 -14.83
N TYR C 94 -2.34 -29.65 -13.89
CA TYR C 94 -3.68 -29.08 -14.08
C TYR C 94 -3.85 -27.82 -13.25
N TYR C 95 -3.92 -26.68 -13.94
CA TYR C 95 -4.01 -25.35 -13.38
C TYR C 95 -5.45 -24.84 -13.40
N CYS C 96 -5.85 -24.12 -12.35
CA CYS C 96 -7.17 -23.55 -12.16
C CYS C 96 -7.07 -22.01 -12.05
N THR C 97 -7.85 -21.26 -12.84
CA THR C 97 -7.66 -19.80 -12.83
C THR C 97 -8.94 -18.98 -12.98
N ASN C 98 -8.87 -17.73 -12.52
CA ASN C 98 -9.66 -16.73 -13.19
C ASN C 98 -8.71 -16.15 -14.23
N THR C 99 -8.41 -14.90 -14.22
CA THR C 99 -7.41 -14.66 -15.24
C THR C 99 -6.19 -14.06 -14.53
N TYR C 100 -6.53 -13.32 -13.48
CA TYR C 100 -5.60 -12.56 -12.66
C TYR C 100 -4.73 -13.45 -11.77
N TYR C 101 -5.33 -14.47 -11.17
CA TYR C 101 -4.64 -15.39 -10.26
C TYR C 101 -4.69 -16.83 -10.78
N TRP C 102 -3.57 -17.52 -10.62
CA TRP C 102 -3.43 -18.94 -10.93
C TRP C 102 -3.22 -19.74 -9.66
N GLY C 103 -3.22 -21.07 -9.80
CA GLY C 103 -2.94 -21.92 -8.66
C GLY C 103 -1.70 -22.75 -8.90
N GLN C 104 -1.08 -23.25 -7.84
CA GLN C 104 -0.05 -24.25 -8.02
C GLN C 104 -0.76 -25.49 -8.45
N GLY C 105 -0.37 -26.06 -9.59
CA GLY C 105 -1.26 -27.02 -10.22
C GLY C 105 -1.53 -28.30 -9.45
N THR C 106 -2.00 -29.32 -10.16
CA THR C 106 -2.16 -30.66 -9.61
C THR C 106 -1.81 -31.66 -10.70
N LEU C 107 -1.29 -32.80 -10.29
CA LEU C 107 -0.65 -33.70 -11.23
C LEU C 107 -1.68 -34.68 -11.76
N VAL C 108 -1.68 -34.90 -13.07
CA VAL C 108 -2.44 -35.96 -13.69
C VAL C 108 -1.48 -36.75 -14.54
N THR C 109 -1.33 -38.04 -14.21
CA THR C 109 -0.47 -38.95 -14.92
C THR C 109 -1.26 -40.20 -15.26
N VAL C 110 -0.95 -40.81 -16.40
CA VAL C 110 -1.70 -41.93 -16.92
C VAL C 110 -0.85 -42.62 -17.98
N SER C 111 -0.50 -43.88 -17.73
CA SER C 111 0.21 -44.74 -18.69
C SER C 111 0.30 -46.17 -18.17
N GLY D 1 0.56 -32.86 -26.82
CA GLY D 1 0.11 -31.51 -27.08
C GLY D 1 0.00 -31.18 -28.57
N SER D 2 -1.23 -30.98 -29.05
CA SER D 2 -1.52 -30.80 -30.47
C SER D 2 -1.56 -29.32 -30.82
N GLN D 3 -0.70 -28.90 -31.78
CA GLN D 3 -0.40 -27.54 -32.24
C GLN D 3 -1.47 -26.48 -31.95
N PRO D 4 -1.09 -25.34 -31.36
CA PRO D 4 -2.07 -24.29 -31.06
C PRO D 4 -2.42 -23.44 -32.27
N VAL D 5 -3.60 -22.81 -32.20
CA VAL D 5 -4.11 -22.00 -33.31
C VAL D 5 -3.30 -20.73 -33.50
N LEU D 6 -2.39 -20.44 -32.58
CA LEU D 6 -1.57 -19.24 -32.60
C LEU D 6 -0.13 -19.60 -32.90
N THR D 7 0.54 -18.70 -33.60
CA THR D 7 1.93 -18.89 -34.02
C THR D 7 2.79 -17.94 -33.19
N GLN D 8 3.63 -18.51 -32.32
CA GLN D 8 4.49 -17.75 -31.41
C GLN D 8 5.94 -18.13 -31.68
N SER D 9 6.62 -17.32 -32.51
CA SER D 9 7.98 -17.62 -32.93
C SER D 9 8.89 -17.64 -31.70
N PRO D 10 9.43 -18.81 -31.34
CA PRO D 10 9.92 -19.01 -29.97
C PRO D 10 11.44 -18.96 -29.82
N SER D 11 12.04 -17.77 -29.75
CA SER D 11 13.50 -17.74 -29.59
C SER D 11 14.00 -16.50 -28.84
N ALA D 12 13.29 -15.37 -29.01
CA ALA D 12 13.49 -14.08 -28.37
C ALA D 12 14.86 -13.84 -27.72
N SER D 13 15.71 -13.06 -28.39
CA SER D 13 17.03 -12.69 -27.88
C SER D 13 17.09 -11.20 -27.58
N GLY D 14 18.03 -10.83 -26.71
CA GLY D 14 18.36 -9.45 -26.46
C GLY D 14 19.62 -9.30 -25.62
N THR D 15 19.73 -8.19 -24.89
CA THR D 15 20.83 -7.91 -23.98
C THR D 15 20.24 -7.22 -22.77
N PRO D 16 20.94 -7.15 -21.65
CA PRO D 16 20.39 -6.43 -20.50
C PRO D 16 20.08 -4.98 -20.87
N GLY D 17 18.94 -4.51 -20.43
CA GLY D 17 18.52 -3.15 -20.76
C GLY D 17 17.89 -2.99 -22.12
N GLN D 18 18.00 -4.00 -22.99
CA GLN D 18 17.45 -3.92 -24.33
C GLN D 18 15.93 -4.05 -24.31
N ARG D 19 15.32 -3.83 -25.48
CA ARG D 19 13.89 -3.97 -25.66
C ARG D 19 13.60 -5.10 -26.64
N VAL D 20 13.03 -6.17 -26.13
CA VAL D 20 12.61 -7.30 -26.94
C VAL D 20 11.10 -7.35 -26.91
N THR D 21 10.52 -7.66 -28.06
CA THR D 21 9.09 -7.83 -28.23
C THR D 21 8.80 -9.29 -28.49
N ILE D 22 7.56 -9.68 -28.26
CA ILE D 22 7.12 -11.04 -28.52
C ILE D 22 5.91 -10.98 -29.43
N SER D 23 6.04 -11.49 -30.65
CA SER D 23 4.97 -11.42 -31.63
C SER D 23 4.09 -12.67 -31.53
N CYS D 24 2.78 -12.44 -31.39
CA CYS D 24 1.78 -13.49 -31.31
C CYS D 24 0.78 -13.28 -32.44
N SER D 25 0.74 -14.20 -33.41
CA SER D 25 -0.09 -14.03 -34.59
C SER D 25 -1.19 -15.09 -34.64
N GLY D 26 -2.34 -14.69 -35.16
CA GLY D 26 -3.39 -15.66 -35.31
C GLY D 26 -4.30 -15.39 -36.48
N SER D 27 -5.60 -15.50 -36.25
CA SER D 27 -6.59 -15.38 -37.30
C SER D 27 -7.67 -14.42 -36.81
N SER D 28 -8.65 -14.18 -37.69
CA SER D 28 -9.68 -13.22 -37.35
C SER D 28 -10.76 -13.77 -36.43
N SER D 29 -10.70 -15.02 -36.03
CA SER D 29 -11.69 -15.54 -35.12
C SER D 29 -11.30 -15.38 -33.65
N ASN D 30 -10.01 -15.17 -33.38
CA ASN D 30 -9.51 -15.06 -32.03
C ASN D 30 -8.93 -13.67 -31.76
N ILE D 31 -7.67 -13.41 -32.14
CA ILE D 31 -7.16 -12.05 -32.08
C ILE D 31 -7.83 -11.23 -33.18
N GLY D 32 -8.25 -10.01 -32.87
CA GLY D 32 -8.98 -9.30 -33.90
C GLY D 32 -10.39 -8.96 -33.47
N ASN D 33 -11.06 -9.90 -32.82
CA ASN D 33 -12.31 -9.60 -32.16
C ASN D 33 -12.28 -9.91 -30.68
N ASN D 34 -11.22 -10.52 -30.18
CA ASN D 34 -11.11 -10.79 -28.75
C ASN D 34 -9.82 -10.23 -28.15
N TYR D 35 -9.88 -10.00 -26.85
CA TYR D 35 -8.80 -9.41 -26.09
C TYR D 35 -7.62 -10.36 -25.98
N VAL D 36 -6.43 -9.80 -25.87
CA VAL D 36 -5.26 -10.62 -25.67
C VAL D 36 -4.84 -10.54 -24.21
N TYR D 37 -4.33 -11.65 -23.71
CA TYR D 37 -3.73 -11.75 -22.39
C TYR D 37 -2.33 -12.26 -22.59
N TRP D 38 -1.42 -11.78 -21.75
CA TRP D 38 -0.04 -12.21 -21.79
C TRP D 38 0.36 -12.76 -20.43
N TYR D 39 1.06 -13.88 -20.46
CA TYR D 39 1.44 -14.57 -19.25
C TYR D 39 2.93 -14.79 -19.21
N GLN D 40 3.47 -14.83 -18.00
CA GLN D 40 4.87 -15.10 -17.74
C GLN D 40 4.94 -16.32 -16.84
N GLN D 41 5.81 -17.27 -17.18
CA GLN D 41 6.01 -18.47 -16.38
C GLN D 41 7.50 -18.71 -16.16
N LEU D 42 7.93 -18.70 -14.90
CA LEU D 42 9.31 -19.03 -14.56
C LEU D 42 9.54 -20.54 -14.58
N PRO D 43 10.81 -21.00 -14.69
CA PRO D 43 11.08 -22.44 -14.60
C PRO D 43 10.50 -23.02 -13.33
N GLY D 44 9.50 -23.91 -13.47
CA GLY D 44 8.89 -24.57 -12.33
C GLY D 44 8.12 -23.67 -11.38
N THR D 45 7.28 -22.80 -11.93
CA THR D 45 6.35 -21.99 -11.13
C THR D 45 5.04 -21.80 -11.89
N ALA D 46 4.02 -21.41 -11.14
CA ALA D 46 2.72 -21.09 -11.74
C ALA D 46 2.84 -19.87 -12.64
N PRO D 47 2.00 -19.79 -13.67
CA PRO D 47 1.97 -18.58 -14.52
C PRO D 47 1.40 -17.38 -13.78
N LYS D 48 1.82 -16.21 -14.27
CA LYS D 48 1.45 -14.93 -13.72
C LYS D 48 0.92 -14.06 -14.84
N LEU D 49 -0.16 -13.36 -14.57
CA LEU D 49 -0.70 -12.43 -15.54
C LEU D 49 0.22 -11.22 -15.62
N LEU D 50 0.67 -10.91 -16.85
CA LEU D 50 1.41 -9.68 -17.12
C LEU D 50 0.49 -8.61 -17.70
N ILE D 51 -0.14 -8.93 -18.84
CA ILE D 51 -1.03 -8.01 -19.54
C ILE D 51 -2.36 -8.71 -19.73
N TYR D 52 -3.44 -8.01 -19.44
CA TYR D 52 -4.77 -8.49 -19.71
C TYR D 52 -5.50 -7.47 -20.58
N TRP D 53 -6.57 -7.91 -21.26
CA TRP D 53 -7.36 -7.09 -22.22
C TRP D 53 -6.45 -6.25 -23.12
N ASN D 54 -5.46 -6.93 -23.71
CA ASN D 54 -4.44 -6.39 -24.63
C ASN D 54 -4.06 -4.94 -24.40
N ASP D 55 -3.30 -4.63 -23.35
CA ASP D 55 -2.58 -3.37 -23.08
C ASP D 55 -2.63 -3.04 -21.59
N GLN D 56 -3.59 -3.65 -20.87
CA GLN D 56 -3.82 -3.36 -19.46
C GLN D 56 -2.79 -4.06 -18.58
N ARG D 57 -2.43 -3.43 -17.47
CA ARG D 57 -1.35 -3.90 -16.62
C ARG D 57 -1.86 -4.01 -15.18
N PRO D 58 -1.91 -5.19 -14.59
CA PRO D 58 -2.35 -5.28 -13.19
C PRO D 58 -1.29 -4.71 -12.26
N SER D 59 -1.76 -4.12 -11.16
CA SER D 59 -0.85 -3.43 -10.25
C SER D 59 0.04 -4.46 -9.59
N GLY D 60 1.34 -4.30 -9.77
CA GLY D 60 2.30 -5.30 -9.36
C GLY D 60 3.22 -5.66 -10.51
N VAL D 61 2.72 -5.56 -11.74
CA VAL D 61 3.60 -5.84 -12.87
C VAL D 61 4.47 -4.61 -13.09
N PRO D 62 5.78 -4.77 -13.28
CA PRO D 62 6.64 -3.61 -13.56
C PRO D 62 6.22 -2.91 -14.85
N ASP D 63 6.49 -1.59 -14.93
CA ASP D 63 6.08 -0.79 -16.08
C ASP D 63 6.80 -1.18 -17.35
N ARG D 64 7.82 -2.03 -17.25
CA ARG D 64 8.60 -2.39 -18.41
C ARG D 64 7.80 -3.23 -19.39
N PHE D 65 6.77 -3.90 -18.90
CA PHE D 65 5.87 -4.68 -19.74
C PHE D 65 4.71 -3.85 -20.24
N SER D 66 4.39 -4.00 -21.53
CA SER D 66 3.24 -3.34 -22.15
C SER D 66 2.77 -4.17 -23.34
N GLY D 67 1.46 -4.12 -23.61
CA GLY D 67 0.93 -4.87 -24.73
C GLY D 67 0.16 -4.09 -25.79
N SER D 68 0.05 -4.65 -26.99
CA SER D 68 -0.61 -3.98 -28.10
C SER D 68 -1.19 -5.02 -29.07
N LYS D 69 -2.19 -4.58 -29.83
CA LYS D 69 -3.00 -5.44 -30.72
C LYS D 69 -3.42 -4.64 -31.94
N SER D 70 -2.89 -5.00 -33.12
CA SER D 70 -3.08 -4.21 -34.34
C SER D 70 -4.41 -4.51 -35.03
N GLY D 71 -4.38 -5.50 -35.91
CA GLY D 71 -5.62 -5.97 -36.48
C GLY D 71 -5.70 -7.46 -36.28
N THR D 72 -4.60 -8.17 -36.52
CA THR D 72 -4.60 -9.63 -36.50
C THR D 72 -3.52 -10.21 -35.61
N SER D 73 -2.55 -9.42 -35.17
CA SER D 73 -1.44 -9.88 -34.35
C SER D 73 -1.32 -9.01 -33.11
N ALA D 74 -0.65 -9.55 -32.09
CA ALA D 74 -0.51 -8.90 -30.80
C ALA D 74 0.90 -9.11 -30.28
N SER D 75 1.38 -8.16 -29.47
CA SER D 75 2.77 -8.23 -29.09
C SER D 75 3.00 -7.64 -27.70
N LEU D 76 3.96 -8.20 -27.00
CA LEU D 76 4.31 -7.83 -25.64
C LEU D 76 5.74 -7.30 -25.67
N ALA D 77 5.89 -5.98 -25.48
CA ALA D 77 7.21 -5.35 -25.47
C ALA D 77 7.73 -5.20 -24.05
N ILE D 78 9.05 -5.34 -23.91
CA ILE D 78 9.71 -5.22 -22.62
C ILE D 78 10.86 -4.21 -22.75
N SER D 79 10.79 -3.14 -21.97
CA SER D 79 11.91 -2.22 -21.81
C SER D 79 12.80 -2.67 -20.66
N GLY D 80 13.98 -2.06 -20.57
CA GLY D 80 14.88 -2.30 -19.44
C GLY D 80 15.02 -3.77 -19.08
N LEU D 81 15.16 -4.61 -20.10
CA LEU D 81 15.22 -6.05 -19.92
C LEU D 81 16.18 -6.46 -18.81
N ARG D 82 15.66 -7.19 -17.81
CA ARG D 82 16.36 -7.61 -16.61
C ARG D 82 16.68 -9.11 -16.66
N SER D 83 17.18 -9.64 -15.53
CA SER D 83 17.51 -11.06 -15.41
C SER D 83 16.36 -11.91 -14.85
N GLU D 84 15.48 -11.33 -14.02
CA GLU D 84 14.27 -12.04 -13.63
C GLU D 84 13.28 -12.16 -14.78
N ASP D 85 13.61 -11.64 -15.96
CA ASP D 85 12.76 -11.78 -17.14
C ASP D 85 13.04 -13.05 -17.93
N GLU D 86 13.90 -13.92 -17.40
CA GLU D 86 14.21 -15.20 -18.03
C GLU D 86 13.09 -16.16 -17.70
N ALA D 87 12.18 -16.35 -18.64
CA ALA D 87 10.96 -17.09 -18.36
C ALA D 87 10.34 -17.49 -19.69
N ASP D 88 9.15 -18.09 -19.60
CA ASP D 88 8.36 -18.49 -20.76
C ASP D 88 7.15 -17.56 -20.86
N TYR D 89 6.84 -17.09 -22.07
CA TYR D 89 5.84 -16.05 -22.27
C TYR D 89 4.78 -16.51 -23.27
N TYR D 90 3.51 -16.50 -22.83
CA TYR D 90 2.40 -17.01 -23.63
C TYR D 90 1.31 -15.96 -23.80
N CYS D 91 0.70 -15.93 -24.99
CA CYS D 91 -0.51 -15.18 -25.31
C CYS D 91 -1.76 -16.07 -25.33
N ALA D 92 -2.91 -15.45 -25.13
CA ALA D 92 -4.16 -16.20 -25.08
C ALA D 92 -5.33 -15.32 -25.48
N ALA D 93 -6.36 -15.95 -26.04
CA ALA D 93 -7.55 -15.22 -26.47
C ALA D 93 -8.68 -16.19 -26.74
N TRP D 94 -9.89 -15.63 -26.72
CA TRP D 94 -11.07 -16.41 -27.02
C TRP D 94 -11.16 -16.63 -28.52
N ASP D 95 -11.79 -17.72 -28.93
CA ASP D 95 -11.93 -18.04 -30.34
C ASP D 95 -13.40 -18.28 -30.61
N ASP D 96 -13.99 -17.44 -31.45
CA ASP D 96 -15.41 -17.57 -31.74
C ASP D 96 -15.72 -18.81 -32.56
N SER D 97 -14.76 -19.33 -33.31
CA SER D 97 -15.00 -20.52 -34.11
C SER D 97 -15.06 -21.76 -33.26
N LEU D 98 -14.09 -21.92 -32.36
CA LEU D 98 -14.08 -23.03 -31.43
C LEU D 98 -14.94 -22.78 -30.20
N SER D 99 -15.46 -21.57 -30.03
CA SER D 99 -16.07 -21.12 -28.79
C SER D 99 -15.30 -21.67 -27.58
N GLY D 100 -14.01 -21.38 -27.59
CA GLY D 100 -13.09 -21.74 -26.52
C GLY D 100 -11.89 -20.83 -26.59
N ALA D 101 -11.09 -20.87 -25.55
CA ALA D 101 -9.92 -20.01 -25.46
C ALA D 101 -8.73 -20.65 -26.17
N VAL D 102 -7.86 -19.81 -26.73
CA VAL D 102 -6.72 -20.28 -27.50
C VAL D 102 -5.44 -19.69 -26.93
N PHE D 103 -4.41 -20.53 -26.80
CA PHE D 103 -3.08 -20.16 -26.38
C PHE D 103 -2.13 -20.25 -27.56
N GLY D 104 -0.98 -19.56 -27.42
CA GLY D 104 0.03 -19.55 -28.46
C GLY D 104 1.12 -20.58 -28.21
N GLY D 105 1.99 -20.73 -29.20
CA GLY D 105 3.03 -21.76 -29.12
C GLY D 105 3.95 -21.61 -27.91
N GLY D 106 4.13 -20.38 -27.43
CA GLY D 106 4.96 -20.10 -26.28
C GLY D 106 6.40 -19.75 -26.62
N THR D 107 6.84 -18.54 -26.27
CA THR D 107 8.21 -18.13 -26.56
C THR D 107 9.08 -18.10 -25.32
N GLN D 108 10.33 -18.49 -25.51
CA GLN D 108 11.33 -18.51 -24.48
C GLN D 108 12.34 -17.45 -24.84
N LEU D 109 12.59 -16.53 -23.92
CA LEU D 109 13.60 -15.51 -24.14
C LEU D 109 14.79 -15.82 -23.25
N THR D 110 15.96 -15.61 -23.82
CA THR D 110 17.22 -15.78 -23.11
C THR D 110 18.04 -14.55 -23.44
N VAL D 111 18.62 -13.94 -22.40
CA VAL D 111 19.27 -12.64 -22.52
C VAL D 111 20.38 -12.52 -21.49
N LEU D 112 21.62 -12.34 -21.97
CA LEU D 112 22.80 -11.98 -21.14
C LEU D 112 24.01 -11.72 -22.04
N GLY E 1 -11.67 -1.68 6.76
CA GLY E 1 -11.57 -3.12 6.70
C GLY E 1 -11.73 -3.81 8.04
N VAL E 2 -11.68 -3.02 9.12
CA VAL E 2 -11.83 -3.52 10.49
C VAL E 2 -13.09 -2.91 11.09
N GLN E 3 -13.91 -3.75 11.70
CA GLN E 3 -15.18 -3.33 12.26
C GLN E 3 -15.31 -3.78 13.70
N LEU E 4 -16.00 -2.96 14.50
CA LEU E 4 -16.34 -3.28 15.88
C LEU E 4 -17.70 -2.61 16.13
N VAL E 5 -18.76 -3.40 16.10
CA VAL E 5 -20.12 -2.90 16.11
C VAL E 5 -20.75 -3.24 17.46
N GLU E 6 -21.19 -2.21 18.17
CA GLU E 6 -21.89 -2.41 19.43
C GLU E 6 -23.40 -2.53 19.24
N SER E 7 -24.05 -3.09 20.25
CA SER E 7 -25.51 -3.28 20.24
C SER E 7 -25.97 -3.50 21.67
N GLY E 8 -27.21 -3.97 21.82
CA GLY E 8 -27.75 -4.32 23.12
C GLY E 8 -28.27 -3.16 23.93
N GLY E 9 -27.71 -1.98 23.71
CA GLY E 9 -28.13 -0.80 24.44
C GLY E 9 -29.60 -0.47 24.22
N GLY E 10 -30.14 0.34 25.14
CA GLY E 10 -31.52 0.78 25.03
C GLY E 10 -32.00 1.45 26.30
N LEU E 11 -33.28 1.27 26.59
CA LEU E 11 -33.90 1.83 27.77
C LEU E 11 -34.23 0.70 28.75
N VAL E 12 -33.95 0.94 30.03
CA VAL E 12 -34.27 -0.03 31.08
C VAL E 12 -34.59 0.73 32.35
N GLN E 13 -35.49 0.15 33.14
CA GLN E 13 -35.79 0.66 34.47
C GLN E 13 -34.63 0.39 35.43
N PRO E 14 -34.44 1.26 36.42
CA PRO E 14 -33.41 1.00 37.44
C PRO E 14 -33.58 -0.36 38.11
N GLY E 15 -32.46 -1.03 38.36
CA GLY E 15 -32.42 -2.36 38.93
C GLY E 15 -32.67 -3.51 37.98
N ARG E 16 -32.83 -3.23 36.68
CA ARG E 16 -33.05 -4.28 35.70
C ARG E 16 -31.70 -4.86 35.28
N SER E 17 -31.70 -5.61 34.17
CA SER E 17 -30.47 -6.17 33.61
C SER E 17 -30.52 -6.05 32.09
N LEU E 18 -29.33 -6.02 31.48
CA LEU E 18 -29.21 -5.84 30.04
C LEU E 18 -27.84 -6.35 29.58
N ARG E 19 -27.86 -7.14 28.50
CA ARG E 19 -26.67 -7.77 27.92
C ARG E 19 -26.28 -7.08 26.61
N LEU E 20 -25.05 -6.58 26.55
CA LEU E 20 -24.47 -5.95 25.36
C LEU E 20 -23.58 -6.95 24.62
N SER E 21 -23.44 -6.76 23.31
CA SER E 21 -22.54 -7.57 22.49
C SER E 21 -21.58 -6.68 21.71
N CYS E 22 -20.64 -7.32 20.99
CA CYS E 22 -19.73 -6.62 20.10
C CYS E 22 -19.12 -7.64 19.14
N ALA E 23 -19.35 -7.47 17.83
CA ALA E 23 -18.80 -8.34 16.81
C ALA E 23 -17.57 -7.71 16.16
N ALA E 24 -16.59 -8.54 15.81
CA ALA E 24 -15.31 -8.05 15.29
C ALA E 24 -14.94 -8.75 13.99
N SER E 25 -14.16 -8.04 13.17
CA SER E 25 -13.63 -8.57 11.92
C SER E 25 -12.47 -7.68 11.50
N GLY E 26 -11.57 -8.26 10.71
CA GLY E 26 -10.46 -7.51 10.16
C GLY E 26 -9.13 -7.64 10.88
N PHE E 27 -9.05 -8.51 11.89
CA PHE E 27 -7.79 -8.78 12.57
C PHE E 27 -7.86 -10.16 13.18
N THR E 28 -6.72 -10.60 13.72
CA THR E 28 -6.63 -11.85 14.46
C THR E 28 -7.19 -11.62 15.85
N PHE E 29 -8.45 -12.03 16.06
CA PHE E 29 -9.11 -11.77 17.34
C PHE E 29 -8.35 -12.37 18.51
N SER E 30 -7.93 -13.64 18.37
CA SER E 30 -7.29 -14.40 19.45
C SER E 30 -5.93 -13.83 19.86
N ASN E 31 -5.58 -12.65 19.38
CA ASN E 31 -4.30 -12.04 19.68
C ASN E 31 -4.41 -10.76 20.50
N TYR E 32 -5.61 -10.28 20.79
CA TYR E 32 -5.81 -8.97 21.40
C TYR E 32 -6.67 -9.09 22.65
N ALA E 33 -6.28 -8.35 23.69
CA ALA E 33 -7.14 -8.15 24.85
C ALA E 33 -8.23 -7.15 24.50
N MET E 34 -9.42 -7.36 25.02
CA MET E 34 -10.58 -6.55 24.69
C MET E 34 -11.15 -5.90 25.95
N TYR E 35 -11.73 -4.71 25.81
CA TYR E 35 -12.31 -4.06 26.98
C TYR E 35 -13.41 -3.06 26.59
N TRP E 36 -14.24 -2.74 27.58
CA TRP E 36 -15.40 -1.86 27.42
C TRP E 36 -15.11 -0.54 28.12
N VAL E 37 -15.40 0.56 27.43
CA VAL E 37 -15.26 1.90 28.00
C VAL E 37 -16.57 2.64 27.84
N ARG E 38 -16.94 3.39 28.87
CA ARG E 38 -18.18 4.17 28.85
C ARG E 38 -17.87 5.65 29.03
N GLN E 39 -18.73 6.49 28.46
CA GLN E 39 -18.62 7.94 28.48
C GLN E 39 -19.99 8.52 28.81
N ALA E 40 -20.12 9.16 29.98
CA ALA E 40 -21.34 9.88 30.29
C ALA E 40 -21.42 11.14 29.44
N PRO E 41 -22.62 11.49 28.93
CA PRO E 41 -22.72 12.60 27.97
C PRO E 41 -22.11 13.90 28.50
N GLY E 42 -21.21 14.48 27.70
CA GLY E 42 -20.52 15.71 28.06
C GLY E 42 -19.45 15.53 29.10
N LYS E 43 -19.18 14.30 29.51
CA LYS E 43 -18.25 13.95 30.58
C LYS E 43 -17.14 13.07 29.99
N GLY E 44 -16.16 12.72 30.84
CA GLY E 44 -15.00 12.01 30.37
C GLY E 44 -15.22 10.51 30.17
N LEU E 45 -14.23 9.88 29.51
CA LEU E 45 -14.25 8.42 29.38
C LEU E 45 -13.88 7.76 30.70
N GLU E 46 -14.59 6.67 31.03
CA GLU E 46 -14.30 5.89 32.22
C GLU E 46 -14.31 4.43 31.83
N TRP E 47 -13.26 3.71 32.22
CA TRP E 47 -13.05 2.33 31.81
C TRP E 47 -13.90 1.37 32.64
N VAL E 48 -14.42 0.33 31.97
CA VAL E 48 -15.44 -0.56 32.56
C VAL E 48 -14.88 -1.94 32.89
N ALA E 49 -14.51 -2.72 31.88
CA ALA E 49 -14.09 -4.10 32.09
C ALA E 49 -13.25 -4.59 30.91
N LEU E 50 -12.44 -5.65 31.18
CA LEU E 50 -11.53 -6.25 30.21
C LEU E 50 -11.51 -7.77 30.38
N ILE E 51 -11.37 -8.48 29.25
CA ILE E 51 -11.17 -9.92 29.26
C ILE E 51 -10.06 -10.29 28.27
N SER E 52 -9.24 -11.27 28.64
CA SER E 52 -8.09 -11.72 27.86
C SER E 52 -8.57 -12.62 26.71
N TYR E 53 -7.65 -12.97 25.81
CA TYR E 53 -7.96 -13.74 24.59
C TYR E 53 -8.19 -15.22 24.82
N ASP E 54 -8.45 -15.68 26.04
CA ASP E 54 -8.77 -17.07 26.31
C ASP E 54 -10.00 -17.25 27.21
N ILE E 55 -10.88 -16.24 27.28
CA ILE E 55 -11.94 -16.13 28.29
C ILE E 55 -11.25 -16.29 29.63
N SER E 56 -10.07 -15.69 29.73
CA SER E 56 -9.17 -15.80 30.88
C SER E 56 -9.75 -15.16 32.13
N THR E 57 -8.90 -14.47 32.88
CA THR E 57 -9.38 -13.56 33.90
C THR E 57 -10.10 -12.36 33.29
N ASP E 58 -10.82 -11.65 34.15
CA ASP E 58 -11.59 -10.47 33.80
C ASP E 58 -11.37 -9.42 34.89
N TYR E 59 -11.44 -8.14 34.52
CA TYR E 59 -11.18 -7.08 35.49
C TYR E 59 -12.30 -6.06 35.45
N TYR E 60 -12.52 -5.42 36.62
CA TYR E 60 -13.63 -4.51 36.80
C TYR E 60 -13.17 -3.27 37.58
N ALA E 61 -13.85 -2.16 37.34
CA ALA E 61 -13.67 -0.94 38.10
C ALA E 61 -14.59 -0.95 39.33
N ASP E 62 -14.17 -0.25 40.38
CA ASP E 62 -14.97 -0.21 41.61
C ASP E 62 -16.39 0.29 41.35
N SER E 63 -16.58 1.08 40.28
CA SER E 63 -17.92 1.53 39.91
C SER E 63 -18.86 0.38 39.57
N VAL E 64 -18.33 -0.76 39.11
CA VAL E 64 -19.16 -1.84 38.58
C VAL E 64 -18.78 -3.21 39.17
N LYS E 65 -17.89 -3.21 40.16
CA LYS E 65 -17.45 -4.45 40.80
C LYS E 65 -18.63 -5.28 41.30
N GLY E 66 -18.60 -6.58 40.99
CA GLY E 66 -19.62 -7.53 41.42
C GLY E 66 -20.95 -7.45 40.70
N ARG E 67 -21.21 -6.39 39.94
CA ARG E 67 -22.47 -6.21 39.22
C ARG E 67 -22.33 -6.47 37.73
N PHE E 68 -21.28 -5.96 37.10
CA PHE E 68 -21.07 -6.22 35.68
C PHE E 68 -20.31 -7.53 35.50
N THR E 69 -20.52 -8.16 34.35
CA THR E 69 -19.80 -9.38 33.99
C THR E 69 -19.33 -9.27 32.54
N ILE E 70 -18.03 -9.49 32.32
CA ILE E 70 -17.43 -9.47 31.00
C ILE E 70 -17.18 -10.92 30.60
N SER E 71 -17.62 -11.29 29.39
CA SER E 71 -17.54 -12.66 28.88
C SER E 71 -17.05 -12.62 27.43
N ARG E 72 -16.65 -13.77 26.91
CA ARG E 72 -15.96 -13.78 25.62
C ARG E 72 -16.17 -15.10 24.89
N ASP E 73 -16.25 -15.01 23.56
CA ASP E 73 -16.38 -16.17 22.70
C ASP E 73 -15.47 -15.96 21.50
N ASN E 74 -14.38 -16.74 21.41
CA ASN E 74 -13.38 -16.57 20.34
C ASN E 74 -13.78 -17.20 19.00
N SER E 75 -14.70 -18.17 18.97
CA SER E 75 -15.08 -18.78 17.69
C SER E 75 -16.02 -17.90 16.88
N LYS E 76 -16.71 -16.96 17.53
CA LYS E 76 -17.56 -16.01 16.84
C LYS E 76 -16.96 -14.60 16.79
N ASN E 77 -15.75 -14.41 17.32
CA ASN E 77 -15.11 -13.07 17.44
C ASN E 77 -16.06 -12.05 18.05
N THR E 78 -16.66 -12.42 19.17
CA THR E 78 -17.70 -11.64 19.84
C THR E 78 -17.36 -11.49 21.32
N ILE E 79 -17.81 -10.39 21.91
CA ILE E 79 -17.63 -10.11 23.33
C ILE E 79 -19.01 -9.81 23.91
N TYR E 80 -19.16 -10.07 25.20
CA TYR E 80 -20.41 -9.78 25.88
C TYR E 80 -20.13 -8.93 27.10
N LEU E 81 -21.04 -8.01 27.41
CA LEU E 81 -21.01 -7.25 28.67
C LEU E 81 -22.37 -7.40 29.35
N GLN E 82 -22.43 -8.25 30.37
CA GLN E 82 -23.65 -8.43 31.16
C GLN E 82 -23.68 -7.42 32.30
N MET E 83 -24.79 -6.68 32.41
CA MET E 83 -24.97 -5.65 33.43
C MET E 83 -26.13 -6.02 34.34
N ASN E 84 -25.91 -5.91 35.66
CA ASN E 84 -26.92 -6.28 36.64
C ASN E 84 -27.09 -5.19 37.69
N ASN E 85 -28.30 -5.17 38.28
CA ASN E 85 -28.78 -4.11 39.17
C ASN E 85 -28.27 -2.72 38.73
N LEU E 86 -28.65 -2.34 37.50
CA LEU E 86 -28.21 -1.08 36.89
C LEU E 86 -28.67 0.13 37.73
N ARG E 87 -28.12 1.30 37.41
CA ARG E 87 -28.30 2.50 38.23
C ARG E 87 -28.35 3.73 37.33
N THR E 88 -28.58 4.88 37.96
CA THR E 88 -28.66 6.14 37.23
C THR E 88 -27.30 6.63 36.75
N GLU E 89 -26.20 6.21 37.39
CA GLU E 89 -24.86 6.58 36.95
C GLU E 89 -24.35 5.77 35.76
N ASP E 90 -24.90 4.59 35.52
CA ASP E 90 -24.44 3.77 34.39
C ASP E 90 -24.98 4.27 33.06
N THR E 91 -25.82 5.30 33.06
CA THR E 91 -26.34 5.86 31.81
C THR E 91 -25.19 6.53 31.07
N ALA E 92 -24.86 6.00 29.89
CA ALA E 92 -23.71 6.44 29.13
C ALA E 92 -23.71 5.72 27.80
N LEU E 93 -22.72 6.05 26.98
CA LEU E 93 -22.44 5.34 25.74
C LEU E 93 -21.33 4.34 26.00
N TYR E 94 -21.55 3.09 25.58
CA TYR E 94 -20.67 1.99 25.93
C TYR E 94 -19.86 1.61 24.69
N TYR E 95 -18.55 1.81 24.78
CA TYR E 95 -17.65 1.60 23.66
C TYR E 95 -17.00 0.22 23.79
N CYS E 96 -16.83 -0.46 22.66
CA CYS E 96 -16.17 -1.75 22.60
C CYS E 96 -14.90 -1.56 21.79
N THR E 97 -13.76 -1.83 22.42
CA THR E 97 -12.50 -1.55 21.75
C THR E 97 -11.45 -2.58 22.17
N ASN E 98 -10.42 -2.69 21.32
CA ASN E 98 -9.10 -3.07 21.83
C ASN E 98 -8.32 -1.78 22.07
N THR E 99 -7.21 -1.57 21.41
CA THR E 99 -6.58 -0.25 21.54
C THR E 99 -6.43 0.40 20.19
N TYR E 100 -6.09 -0.40 19.19
CA TYR E 100 -5.88 0.10 17.85
C TYR E 100 -7.18 0.55 17.21
N TYR E 101 -8.26 -0.24 17.37
CA TYR E 101 -9.57 0.09 16.79
C TYR E 101 -10.63 0.22 17.87
N TRP E 102 -11.51 1.20 17.72
CA TRP E 102 -12.70 1.36 18.54
C TRP E 102 -13.93 1.17 17.66
N GLY E 103 -15.10 1.25 18.29
CA GLY E 103 -16.36 1.24 17.55
C GLY E 103 -17.22 2.44 17.82
N GLN E 104 -18.18 2.71 16.93
CA GLN E 104 -19.24 3.65 17.27
C GLN E 104 -20.11 2.95 18.30
N GLY E 105 -20.24 3.56 19.49
CA GLY E 105 -20.76 2.85 20.66
C GLY E 105 -22.21 2.41 20.63
N THR E 106 -22.78 2.15 21.81
CA THR E 106 -24.21 1.89 21.93
C THR E 106 -24.71 2.48 23.24
N LEU E 107 -25.94 3.00 23.21
CA LEU E 107 -26.45 3.85 24.28
C LEU E 107 -27.29 3.06 25.26
N VAL E 108 -27.03 3.26 26.55
CA VAL E 108 -27.82 2.68 27.62
C VAL E 108 -28.24 3.81 28.57
N THR E 109 -29.54 3.92 28.81
CA THR E 109 -30.07 4.89 29.77
C THR E 109 -31.06 4.24 30.76
N LEU F 1 -6.32 9.62 37.52
CA LEU F 1 -5.41 10.48 36.74
C LEU F 1 -5.97 11.88 36.55
N THR F 2 -5.08 12.87 36.61
CA THR F 2 -5.45 14.29 36.53
C THR F 2 -4.94 14.89 35.22
N GLN F 3 -5.87 15.34 34.38
CA GLN F 3 -5.55 15.92 33.08
C GLN F 3 -6.05 17.36 33.08
N SER F 4 -5.14 18.30 33.36
CA SER F 4 -5.47 19.73 33.50
C SER F 4 -6.12 20.22 32.21
N PRO F 5 -7.39 20.63 32.24
CA PRO F 5 -8.22 20.59 31.02
C PRO F 5 -8.48 21.92 30.34
N SER F 6 -7.46 22.59 29.78
CA SER F 6 -7.76 23.88 29.16
C SER F 6 -6.94 24.20 27.91
N ALA F 7 -5.67 23.78 27.81
CA ALA F 7 -4.78 23.90 26.64
C ALA F 7 -5.11 24.98 25.60
N SER F 8 -4.25 25.99 25.51
CA SER F 8 -4.40 27.08 24.55
C SER F 8 -3.33 27.01 23.46
N GLY F 9 -3.64 27.59 22.31
CA GLY F 9 -2.63 27.76 21.27
C GLY F 9 -3.01 28.57 20.05
N THR F 10 -2.31 28.31 18.95
CA THR F 10 -2.54 28.97 17.67
C THR F 10 -2.20 27.97 16.59
N PRO F 11 -2.63 28.21 15.35
CA PRO F 11 -2.19 27.34 14.25
C PRO F 11 -0.66 27.39 14.10
N GLY F 12 -0.05 26.21 13.94
CA GLY F 12 1.39 26.09 13.81
C GLY F 12 2.20 26.06 15.09
N GLN F 13 1.59 26.39 16.24
CA GLN F 13 2.29 26.35 17.52
C GLN F 13 2.42 24.91 18.01
N ARG F 14 3.21 24.71 19.08
CA ARG F 14 3.36 23.40 19.71
C ARG F 14 2.84 23.46 21.14
N VAL F 15 1.74 22.74 21.39
CA VAL F 15 1.14 22.60 22.71
C VAL F 15 1.22 21.14 23.14
N THR F 16 1.46 20.92 24.43
CA THR F 16 1.50 19.61 25.05
C THR F 16 0.35 19.46 26.05
N ILE F 17 0.05 18.22 26.41
CA ILE F 17 -0.99 17.90 27.38
C ILE F 17 -0.37 17.06 28.49
N SER F 18 -0.33 17.61 29.70
CA SER F 18 0.32 16.93 30.82
C SER F 18 -0.68 16.04 31.54
N CYS F 19 -0.32 14.77 31.70
CA CYS F 19 -1.14 13.76 32.36
C CYS F 19 -0.32 13.21 33.52
N SER F 20 -0.74 13.49 34.75
CA SER F 20 0.02 13.13 35.94
C SER F 20 -0.76 12.16 36.81
N GLY F 21 -0.04 11.23 37.42
CA GLY F 21 -0.62 10.28 38.34
C GLY F 21 0.40 9.82 39.37
N SER F 22 0.49 8.50 39.59
CA SER F 22 1.37 7.90 40.57
C SER F 22 2.18 6.79 39.91
N SER F 23 3.07 6.18 40.69
CA SER F 23 3.95 5.14 40.16
C SER F 23 3.25 3.80 40.03
N SER F 24 1.94 3.76 40.29
CA SER F 24 1.15 2.56 40.13
C SER F 24 0.64 2.40 38.70
N ASN F 25 0.68 3.47 37.89
CA ASN F 25 0.27 3.43 36.50
C ASN F 25 1.43 3.79 35.57
N ILE F 26 1.73 5.09 35.46
CA ILE F 26 2.93 5.54 34.75
C ILE F 26 4.18 5.15 35.56
N GLY F 27 5.22 4.68 34.85
CA GLY F 27 6.45 4.27 35.50
C GLY F 27 6.76 2.79 35.34
N ASN F 28 5.73 1.95 35.50
CA ASN F 28 5.81 0.52 35.28
C ASN F 28 4.84 0.01 34.22
N ASN F 29 3.91 0.84 33.74
CA ASN F 29 2.99 0.45 32.69
C ASN F 29 3.00 1.46 31.56
N TYR F 30 2.60 0.99 30.39
CA TYR F 30 2.54 1.81 29.20
C TYR F 30 1.39 2.80 29.26
N VAL F 31 1.55 3.93 28.58
CA VAL F 31 0.54 4.98 28.44
C VAL F 31 -0.04 4.96 27.03
N TYR F 32 -1.32 5.31 26.92
CA TYR F 32 -2.02 5.46 25.65
C TYR F 32 -2.64 6.85 25.57
N TRP F 33 -2.66 7.42 24.37
CA TRP F 33 -3.28 8.72 24.14
C TRP F 33 -4.38 8.58 23.10
N TYR F 34 -5.54 9.17 23.37
CA TYR F 34 -6.68 9.05 22.49
C TYR F 34 -7.22 10.44 22.16
N GLN F 35 -7.83 10.55 20.96
CA GLN F 35 -8.45 11.78 20.50
C GLN F 35 -9.92 11.50 20.22
N GLN F 36 -10.80 12.35 20.74
CA GLN F 36 -12.24 12.22 20.49
C GLN F 36 -12.76 13.55 19.98
N LEU F 37 -13.23 13.55 18.74
CA LEU F 37 -13.87 14.74 18.21
C LEU F 37 -15.30 14.81 18.78
N PRO F 38 -15.91 16.01 18.82
CA PRO F 38 -17.31 16.10 19.25
C PRO F 38 -18.19 15.15 18.45
N GLY F 39 -18.78 14.16 19.12
CA GLY F 39 -19.67 13.23 18.46
C GLY F 39 -19.01 12.32 17.44
N THR F 40 -17.91 11.68 17.83
CA THR F 40 -17.27 10.64 17.02
C THR F 40 -16.68 9.60 17.96
N ALA F 41 -16.40 8.42 17.39
CA ALA F 41 -15.73 7.37 18.15
C ALA F 41 -14.31 7.83 18.53
N PRO F 42 -13.76 7.32 19.63
CA PRO F 42 -12.37 7.63 19.96
C PRO F 42 -11.39 6.97 18.99
N LYS F 43 -10.23 7.63 18.83
CA LYS F 43 -9.18 7.19 17.90
C LYS F 43 -7.84 7.16 18.63
N LEU F 44 -7.05 6.11 18.39
CA LEU F 44 -5.73 5.99 18.98
C LEU F 44 -4.73 6.90 18.28
N LEU F 45 -4.02 7.71 19.08
CA LEU F 45 -2.91 8.52 18.62
C LEU F 45 -1.57 7.87 18.95
N ILE F 46 -1.31 7.67 20.24
CA ILE F 46 -0.04 7.16 20.72
C ILE F 46 -0.33 5.93 21.57
N TYR F 47 0.42 4.86 21.34
CA TYR F 47 0.34 3.67 22.18
C TYR F 47 1.72 3.31 22.71
N TRP F 48 1.73 2.52 23.78
CA TRP F 48 2.95 2.09 24.45
C TRP F 48 3.89 3.26 24.69
N ASN F 49 3.31 4.37 25.18
CA ASN F 49 3.93 5.68 25.43
C ASN F 49 5.09 6.07 24.52
N ASP F 50 4.79 6.32 23.23
CA ASP F 50 5.62 6.95 22.20
C ASP F 50 5.33 6.38 20.82
N GLN F 51 4.81 5.15 20.75
CA GLN F 51 4.57 4.51 19.45
C GLN F 51 3.35 5.11 18.75
N ARG F 52 3.44 5.19 17.43
CA ARG F 52 2.48 5.92 16.60
C ARG F 52 1.99 4.97 15.50
N PRO F 53 0.69 4.70 15.44
CA PRO F 53 0.17 3.84 14.37
C PRO F 53 0.28 4.52 13.01
N SER F 54 0.45 3.70 11.96
CA SER F 54 0.62 4.24 10.62
C SER F 54 -0.67 4.88 10.15
N GLY F 55 -0.60 6.15 9.77
CA GLY F 55 -1.77 6.93 9.42
C GLY F 55 -1.81 8.23 10.19
N VAL F 56 -1.27 8.22 11.40
CA VAL F 56 -1.20 9.43 12.22
C VAL F 56 -0.02 10.28 11.73
N PRO F 57 -0.21 11.59 11.58
CA PRO F 57 0.91 12.47 11.21
C PRO F 57 2.02 12.53 12.26
N ASP F 58 3.24 12.83 11.78
CA ASP F 58 4.44 12.87 12.61
C ASP F 58 4.36 13.95 13.69
N ARG F 59 3.29 14.74 13.65
CA ARG F 59 3.16 15.87 14.55
C ARG F 59 2.92 15.44 15.98
N PHE F 60 2.28 14.28 16.15
CA PHE F 60 2.00 13.72 17.46
C PHE F 60 3.13 12.81 17.91
N SER F 61 3.53 12.98 19.15
CA SER F 61 4.54 12.13 19.75
C SER F 61 4.29 12.18 21.25
N GLY F 62 4.57 11.06 21.91
CA GLY F 62 4.35 10.94 23.33
C GLY F 62 5.60 10.60 24.12
N SER F 63 5.59 10.90 25.40
CA SER F 63 6.76 10.67 26.24
C SER F 63 6.32 10.38 27.67
N LYS F 64 7.20 9.75 28.42
CA LYS F 64 6.87 9.27 29.76
C LYS F 64 8.13 9.35 30.62
N SER F 65 8.11 10.21 31.62
CA SER F 65 9.28 10.50 32.44
C SER F 65 9.47 9.46 33.54
N GLY F 66 8.86 9.67 34.70
CA GLY F 66 8.82 8.66 35.72
C GLY F 66 7.40 8.44 36.18
N THR F 67 6.66 9.53 36.39
CA THR F 67 5.31 9.48 36.93
C THR F 67 4.30 10.24 36.07
N SER F 68 4.76 11.04 35.12
CA SER F 68 3.89 11.88 34.30
C SER F 68 4.19 11.58 32.83
N ALA F 69 3.25 11.95 31.96
CA ALA F 69 3.35 11.67 30.54
C ALA F 69 2.84 12.87 29.76
N SER F 70 3.29 13.00 28.50
CA SER F 70 2.97 14.21 27.75
C SER F 70 2.84 13.91 26.26
N LEU F 71 1.90 14.58 25.61
CA LEU F 71 1.60 14.41 24.18
C LEU F 71 1.80 15.75 23.47
N ALA F 72 2.88 15.88 22.70
CA ALA F 72 3.15 17.12 21.99
C ALA F 72 2.63 17.06 20.55
N ILE F 73 2.19 18.20 20.05
CA ILE F 73 1.65 18.32 18.70
C ILE F 73 2.43 19.43 17.98
N SER F 74 3.10 19.06 16.89
CA SER F 74 3.73 20.03 16.02
C SER F 74 2.74 20.47 14.95
N GLY F 75 3.07 21.57 14.28
CA GLY F 75 2.30 22.05 13.15
C GLY F 75 0.80 22.11 13.42
N LEU F 76 0.44 22.62 14.59
CA LEU F 76 -0.93 22.64 15.09
C LEU F 76 -1.91 23.05 14.00
N ARG F 77 -2.87 22.19 13.72
CA ARG F 77 -3.80 22.35 12.63
C ARG F 77 -5.19 22.72 13.19
N SER F 78 -6.18 22.79 12.29
CA SER F 78 -7.54 23.15 12.65
C SER F 78 -8.45 21.95 12.92
N GLU F 79 -8.23 20.83 12.22
CA GLU F 79 -8.93 19.57 12.48
C GLU F 79 -8.50 18.91 13.79
N ASP F 80 -7.61 19.56 14.55
CA ASP F 80 -7.11 19.10 15.84
C ASP F 80 -7.97 19.60 17.02
N GLU F 81 -9.15 20.16 16.75
CA GLU F 81 -10.08 20.65 17.77
C GLU F 81 -10.90 19.46 18.29
N ALA F 82 -10.58 18.94 19.48
CA ALA F 82 -11.17 17.67 19.94
C ALA F 82 -10.95 17.49 21.45
N ASP F 83 -11.28 16.28 21.94
CA ASP F 83 -11.07 15.84 23.31
C ASP F 83 -9.90 14.85 23.37
N TYR F 84 -9.02 15.03 24.36
CA TYR F 84 -7.78 14.26 24.46
C TYR F 84 -7.66 13.59 25.81
N TYR F 85 -7.54 12.25 25.80
CA TYR F 85 -7.46 11.43 27.00
C TYR F 85 -6.22 10.55 27.00
N CYS F 86 -5.63 10.38 28.18
CA CYS F 86 -4.56 9.43 28.46
C CYS F 86 -5.11 8.18 29.15
N ALA F 87 -4.36 7.09 29.07
CA ALA F 87 -4.79 5.81 29.65
C ALA F 87 -3.59 4.93 30.01
N ALA F 88 -3.75 4.11 31.06
CA ALA F 88 -2.72 3.16 31.50
C ALA F 88 -3.29 2.16 32.51
N TRP F 89 -2.62 1.03 32.66
CA TRP F 89 -3.04 -0.01 33.62
C TRP F 89 -2.61 0.37 35.04
N ASP F 90 -3.35 -0.17 36.03
CA ASP F 90 -3.10 0.10 37.44
C ASP F 90 -3.01 -1.22 38.19
N ASP F 91 -1.83 -1.50 38.77
CA ASP F 91 -1.62 -2.73 39.54
C ASP F 91 -2.34 -2.73 40.89
N SER F 92 -2.58 -1.54 41.46
CA SER F 92 -3.24 -1.46 42.77
C SER F 92 -4.73 -1.75 42.67
N LEU F 93 -5.39 -1.09 41.71
CA LEU F 93 -6.82 -1.27 41.41
C LEU F 93 -7.10 -2.45 40.51
N SER F 94 -6.07 -3.12 40.00
CA SER F 94 -6.20 -4.16 38.97
C SER F 94 -7.22 -3.77 37.91
N GLY F 95 -7.01 -2.60 37.33
CA GLY F 95 -7.83 -2.09 36.24
C GLY F 95 -7.16 -0.92 35.56
N ALA F 96 -7.71 -0.54 34.40
CA ALA F 96 -7.19 0.57 33.62
C ALA F 96 -7.81 1.89 34.09
N VAL F 97 -7.02 2.98 34.00
CA VAL F 97 -7.41 4.29 34.50
C VAL F 97 -7.35 5.32 33.38
N PHE F 98 -8.36 6.19 33.33
CA PHE F 98 -8.41 7.32 32.43
C PHE F 98 -8.25 8.62 33.20
N GLY F 99 -7.86 9.67 32.49
CA GLY F 99 -7.72 10.99 33.07
C GLY F 99 -8.96 11.85 32.84
N GLY F 100 -8.96 13.01 33.50
CA GLY F 100 -10.11 13.90 33.41
C GLY F 100 -10.45 14.33 32.00
N GLY F 101 -9.45 14.42 31.11
CA GLY F 101 -9.73 14.82 29.74
C GLY F 101 -9.55 16.31 29.52
N THR F 102 -8.67 16.68 28.59
CA THR F 102 -8.41 18.07 28.28
C THR F 102 -9.09 18.50 26.97
N GLN F 103 -9.54 19.75 26.94
CA GLN F 103 -10.16 20.37 25.78
C GLN F 103 -9.25 21.48 25.27
N LEU F 104 -8.88 21.42 23.99
CA LEU F 104 -8.02 22.41 23.34
C LEU F 104 -8.81 23.25 22.34
N THR F 105 -8.36 24.49 22.13
CA THR F 105 -9.02 25.38 21.17
C THR F 105 -8.03 25.98 20.18
C1 NAG G . 14.50 29.55 -20.10
C2 NAG G . 13.86 30.68 -19.26
C3 NAG G . 14.74 31.93 -19.27
C4 NAG G . 16.20 31.61 -18.99
C5 NAG G . 16.68 30.43 -19.83
C6 NAG G . 18.04 29.92 -19.43
C7 NAG G . 11.51 31.24 -18.90
C8 NAG G . 10.25 31.75 -19.53
N2 NAG G . 12.54 31.05 -19.73
O3 NAG G . 14.21 32.92 -18.39
O4 NAG G . 16.98 32.77 -19.33
O5 NAG G . 15.81 29.32 -19.65
O6 NAG G . 17.96 28.59 -18.95
O7 NAG G . 11.58 30.96 -17.70
C1 NAG H . 30.45 23.02 1.00
C2 NAG H . 31.08 24.26 0.35
C3 NAG H . 32.45 23.95 -0.24
C4 NAG H . 33.34 23.27 0.78
C5 NAG H . 32.64 22.01 1.27
C6 NAG H . 33.42 21.29 2.35
C7 NAG H . 29.57 25.96 -0.56
C8 NAG H . 28.70 26.36 -1.71
N2 NAG H . 30.20 24.79 -0.68
O3 NAG H . 33.06 25.18 -0.64
O4 NAG H . 34.61 22.96 0.21
O5 NAG H . 31.39 22.39 1.87
O6 NAG H . 33.27 21.95 3.61
O7 NAG H . 29.70 26.67 0.43
#